data_6HQD
#
_entry.id   6HQD
#
_cell.length_a   87.311
_cell.length_b   96.642
_cell.length_c   87.777
_cell.angle_alpha   90.00
_cell.angle_beta   119.18
_cell.angle_gamma   90.00
#
_symmetry.space_group_name_H-M   'P 1 21 1'
#
loop_
_entity.id
_entity.type
_entity.pdbx_description
1 polymer 'Cytochrome P450'
2 non-polymer 'PROTOPORPHYRIN IX CONTAINING FE'
3 non-polymer 'S,R MESO-TARTARIC ACID'
4 non-polymer 'TRIETHYLENE GLYCOL'
5 non-polymer GLYCEROL
6 water water
#
_entity_poly.entity_id   1
_entity_poly.type   'polypeptide(L)'
_entity_poly.pdbx_seq_one_letter_code
;MTPSTPIDDAEIARSIALEDIDVSKPELFERDGLHPYFERLRREDPVHYCKASEYGPYWSITKFSDIVAIDTNHKVFSSD
HTNGSFVLDDTTLNAVDGGIYLPNFLGMDPPKHDVHRMVVSPIVAPQNLLRFEATIRERTKRVLSELPIGEEFNWVDRVS
IELTTMMLATLLDFPFDDRRKLTRWSDIITTRPGYGLVDSWEQRESELMECLAYFQRLYAERQAMPPKPDLISMLAHSPE
MQDLTPTDFLGTLALLIVGGNDTTRSSMSGSAMACHLYPQEFDKVRNNRALLASVIPEVVRWQTPIAHMRRTALEDVEFR
GKQIRKGDKVVMWYLSGNRDDEVIDRPMDFIADRPRARHHLSFGFGIHRCLGNRLAELQLKILWEEMCERYSRIEVCGEP
VRVPSNLVHGYIDIPVRLHA
;
_entity_poly.pdbx_strand_id   A,B,C
#
# COMPACT_ATOMS: atom_id res chain seq x y z
N ILE A 7 -18.74 41.82 21.70
CA ILE A 7 -18.47 42.06 20.25
C ILE A 7 -19.43 41.19 19.42
N ASP A 8 -19.91 41.76 18.31
CA ASP A 8 -20.74 41.05 17.34
C ASP A 8 -19.92 40.86 16.05
N ASP A 9 -19.41 39.64 15.87
CA ASP A 9 -18.52 39.30 14.75
C ASP A 9 -19.31 39.25 13.44
N ALA A 10 -20.61 38.88 13.51
CA ALA A 10 -21.46 38.79 12.32
C ALA A 10 -21.63 40.19 11.72
N GLU A 11 -21.82 41.19 12.57
CA GLU A 11 -22.03 42.57 12.09
C GLU A 11 -20.75 43.12 11.46
N ILE A 12 -19.61 42.94 12.15
CA ILE A 12 -18.30 43.41 11.62
C ILE A 12 -18.02 42.75 10.26
N ALA A 13 -18.16 41.42 10.20
CA ALA A 13 -17.80 40.66 9.00
C ALA A 13 -18.64 41.08 7.79
N ARG A 14 -19.91 41.48 8.02
CA ARG A 14 -20.82 42.01 6.96
C ARG A 14 -20.38 43.42 6.51
N SER A 15 -19.95 44.26 7.46
CA SER A 15 -19.83 45.72 7.31
C SER A 15 -18.47 46.17 6.74
N ILE A 16 -17.38 45.58 7.25
CA ILE A 16 -16.03 46.17 6.99
C ILE A 16 -15.59 45.81 5.57
N ALA A 17 -14.63 46.58 5.06
CA ALA A 17 -14.13 46.33 3.72
C ALA A 17 -13.42 44.98 3.72
N LEU A 18 -13.49 44.30 2.57
CA LEU A 18 -12.81 43.00 2.38
C LEU A 18 -11.33 43.08 2.77
N GLU A 19 -10.67 44.17 2.37
CA GLU A 19 -9.23 44.37 2.58
C GLU A 19 -8.88 44.48 4.08
N ASP A 20 -9.85 44.74 4.97
CA ASP A 20 -9.57 44.94 6.43
C ASP A 20 -9.83 43.69 7.27
N ILE A 21 -10.21 42.59 6.63
CA ILE A 21 -10.45 41.31 7.38
C ILE A 21 -9.10 40.66 7.76
N ASP A 22 -8.86 40.48 9.06
CA ASP A 22 -7.68 39.74 9.54
C ASP A 22 -8.15 38.61 10.47
N VAL A 23 -8.12 37.36 9.98
CA VAL A 23 -8.64 36.22 10.69
C VAL A 23 -7.61 35.61 11.66
N SER A 24 -6.42 36.21 11.77
CA SER A 24 -5.34 35.64 12.54
C SER A 24 -5.39 36.01 14.05
N LYS A 25 -6.27 36.93 14.48
CA LYS A 25 -6.22 37.46 15.87
C LYS A 25 -6.59 36.34 16.83
N PRO A 26 -5.72 35.95 17.79
CA PRO A 26 -6.08 34.90 18.75
C PRO A 26 -7.40 35.15 19.51
N GLU A 27 -7.74 36.44 19.73
CA GLU A 27 -9.05 36.85 20.40
C GLU A 27 -10.26 36.25 19.66
N LEU A 28 -10.19 36.11 18.34
CA LEU A 28 -11.31 35.55 17.54
C LEU A 28 -11.53 34.08 17.87
N PHE A 29 -10.45 33.34 18.11
CA PHE A 29 -10.52 31.91 18.43
C PHE A 29 -11.05 31.69 19.85
N GLU A 30 -10.67 32.59 20.76
CA GLU A 30 -11.09 32.54 22.15
C GLU A 30 -12.63 32.63 22.25
N ARG A 31 -13.27 33.34 21.30
CA ARG A 31 -14.74 33.42 21.32
C ARG A 31 -15.36 32.70 20.12
N ASP A 32 -14.61 31.76 19.50
CA ASP A 32 -15.02 30.97 18.32
C ASP A 32 -15.86 31.84 17.37
N GLY A 33 -15.31 33.00 17.01
CA GLY A 33 -16.01 34.00 16.20
C GLY A 33 -15.58 34.01 14.74
N LEU A 34 -15.01 32.92 14.20
CA LEU A 34 -14.33 32.97 12.86
C LEU A 34 -15.34 32.79 11.70
N HIS A 35 -16.42 32.03 11.92
CA HIS A 35 -17.26 31.52 10.79
C HIS A 35 -17.89 32.63 9.95
N PRO A 36 -18.36 33.77 10.48
CA PRO A 36 -18.83 34.86 9.62
C PRO A 36 -17.77 35.44 8.68
N TYR A 37 -16.51 35.50 9.14
CA TYR A 37 -15.39 35.97 8.30
C TYR A 37 -15.08 34.94 7.22
N PHE A 38 -14.98 33.66 7.60
CA PHE A 38 -14.64 32.59 6.64
C PHE A 38 -15.73 32.44 5.58
N GLU A 39 -17.00 32.61 5.99
CA GLU A 39 -18.13 32.51 5.07
C GLU A 39 -18.02 33.56 3.95
N ARG A 40 -17.63 34.78 4.32
CA ARG A 40 -17.45 35.88 3.39
C ARG A 40 -16.25 35.63 2.48
N LEU A 41 -15.12 35.17 3.05
CA LEU A 41 -13.92 34.96 2.26
C LEU A 41 -14.12 33.81 1.26
N ARG A 42 -14.74 32.70 1.69
CA ARG A 42 -14.94 31.54 0.77
C ARG A 42 -15.84 31.97 -0.39
N ARG A 43 -16.85 32.80 -0.11
CA ARG A 43 -17.79 33.26 -1.16
C ARG A 43 -17.16 34.35 -2.05
N GLU A 44 -16.46 35.32 -1.48
CA GLU A 44 -16.07 36.57 -2.21
C GLU A 44 -14.60 36.61 -2.63
N ASP A 45 -13.68 35.96 -1.88
CA ASP A 45 -12.25 36.11 -2.10
C ASP A 45 -11.49 34.96 -1.44
N PRO A 46 -11.60 33.74 -2.00
CA PRO A 46 -11.07 32.55 -1.32
C PRO A 46 -9.55 32.44 -1.25
N VAL A 47 -8.83 33.18 -2.10
CA VAL A 47 -7.41 33.34 -1.98
C VAL A 47 -7.14 34.83 -1.67
N HIS A 48 -7.10 35.17 -0.38
CA HIS A 48 -7.18 36.60 0.09
C HIS A 48 -5.87 37.08 0.71
N TYR A 49 -5.34 38.21 0.21
CA TYR A 49 -4.14 38.85 0.74
C TYR A 49 -4.52 39.80 1.88
N CYS A 50 -4.05 39.53 3.08
CA CYS A 50 -4.17 40.44 4.23
C CYS A 50 -2.90 41.29 4.33
N LYS A 51 -3.04 42.63 4.20
CA LYS A 51 -1.89 43.54 4.18
C LYS A 51 -1.44 43.95 5.58
N ALA A 52 -2.31 43.82 6.59
CA ALA A 52 -2.03 44.39 7.92
C ALA A 52 -2.30 43.34 8.99
N SER A 53 -1.23 42.81 9.58
CA SER A 53 -1.37 41.85 10.66
C SER A 53 -0.11 41.82 11.53
N GLU A 54 -0.25 41.28 12.73
CA GLU A 54 0.82 41.24 13.71
C GLU A 54 2.02 40.46 13.14
N TYR A 55 1.75 39.52 12.23
CA TYR A 55 2.74 38.59 11.72
C TYR A 55 3.21 39.05 10.34
N GLY A 56 2.95 40.32 10.00
CA GLY A 56 3.14 40.81 8.67
C GLY A 56 2.04 40.33 7.70
N PRO A 57 2.11 40.71 6.41
CA PRO A 57 1.07 40.34 5.45
C PRO A 57 1.10 38.84 5.11
N TYR A 58 -0.05 38.30 4.77
CA TYR A 58 -0.17 36.85 4.48
C TYR A 58 -1.38 36.56 3.58
N TRP A 59 -1.27 35.45 2.82
CA TRP A 59 -2.41 34.89 2.07
C TRP A 59 -3.23 33.94 2.94
N SER A 60 -4.56 34.11 2.93
CA SER A 60 -5.54 33.16 3.55
C SER A 60 -6.13 32.29 2.44
N ILE A 61 -5.98 30.96 2.57
CA ILE A 61 -6.55 29.95 1.67
C ILE A 61 -7.68 29.27 2.44
N THR A 62 -8.92 29.48 1.99
CA THR A 62 -10.10 29.16 2.83
C THR A 62 -10.96 27.99 2.31
N LYS A 63 -10.83 27.62 1.03
CA LYS A 63 -11.65 26.52 0.42
C LYS A 63 -10.87 25.17 0.49
N PHE A 64 -11.65 24.10 0.63
CA PHE A 64 -11.14 22.69 0.84
C PHE A 64 -10.16 22.28 -0.27
N SER A 65 -10.60 22.41 -1.50
CA SER A 65 -9.82 21.95 -2.65
C SER A 65 -8.52 22.75 -2.78
N ASP A 66 -8.64 24.06 -2.56
CA ASP A 66 -7.46 24.97 -2.64
C ASP A 66 -6.43 24.63 -1.56
N ILE A 67 -6.91 24.30 -0.34
CA ILE A 67 -6.00 23.91 0.76
C ILE A 67 -5.25 22.62 0.42
N VAL A 68 -5.96 21.62 -0.10
CA VAL A 68 -5.29 20.37 -0.53
C VAL A 68 -4.17 20.68 -1.54
N ALA A 69 -4.39 21.64 -2.44
CA ALA A 69 -3.43 21.98 -3.48
C ALA A 69 -2.16 22.58 -2.87
N ILE A 70 -2.29 23.46 -1.85
CA ILE A 70 -1.12 24.06 -1.19
C ILE A 70 -0.33 22.96 -0.46
N ASP A 71 -1.04 22.15 0.33
CA ASP A 71 -0.42 21.17 1.24
C ASP A 71 0.38 20.14 0.44
N THR A 72 -0.10 19.79 -0.76
CA THR A 72 0.53 18.74 -1.57
C THR A 72 1.61 19.29 -2.51
N ASN A 73 1.83 20.60 -2.52
CA ASN A 73 2.85 21.22 -3.44
C ASN A 73 3.99 21.77 -2.55
N HIS A 74 4.77 20.86 -1.95
CA HIS A 74 5.85 21.23 -1.01
C HIS A 74 7.09 21.83 -1.69
N LYS A 75 7.21 21.70 -3.03
CA LYS A 75 8.37 22.29 -3.71
C LYS A 75 8.12 23.80 -3.99
N VAL A 76 6.85 24.26 -4.03
CA VAL A 76 6.51 25.67 -4.26
C VAL A 76 6.20 26.36 -2.91
N PHE A 77 5.57 25.62 -1.98
CA PHE A 77 5.12 26.13 -0.70
C PHE A 77 5.85 25.38 0.44
N SER A 78 6.89 26.02 0.96
CA SER A 78 7.93 25.47 1.82
C SER A 78 7.49 25.50 3.29
N SER A 79 7.91 24.45 4.02
CA SER A 79 7.76 24.33 5.48
C SER A 79 9.11 24.56 6.21
N ASP A 80 10.21 24.78 5.47
CA ASP A 80 11.55 24.65 6.05
C ASP A 80 11.80 25.72 7.12
N HIS A 81 12.49 25.30 8.20
CA HIS A 81 12.91 26.17 9.28
C HIS A 81 13.78 27.34 8.76
N THR A 82 14.55 27.14 7.69
CA THR A 82 15.37 28.24 7.15
C THR A 82 14.51 29.32 6.48
N ASN A 83 13.21 29.04 6.24
CA ASN A 83 12.27 29.97 5.59
C ASN A 83 11.21 30.46 6.60
N GLY A 84 11.33 30.05 7.87
CA GLY A 84 10.45 30.51 8.96
C GLY A 84 9.58 29.42 9.60
N SER A 85 9.62 28.16 9.10
CA SER A 85 8.86 26.96 9.64
C SER A 85 7.35 27.08 9.32
N PHE A 86 6.45 26.44 10.10
CA PHE A 86 5.14 26.03 9.58
C PHE A 86 3.95 26.61 10.36
N VAL A 87 4.17 27.64 11.20
CA VAL A 87 3.06 28.35 11.82
C VAL A 87 3.13 29.85 11.53
N LEU A 88 1.98 30.55 11.66
CA LEU A 88 1.88 31.97 11.28
C LEU A 88 2.73 32.85 12.24
N ASP A 89 2.68 32.59 13.55
CA ASP A 89 3.39 33.42 14.53
C ASP A 89 4.86 33.00 14.59
N ASP A 90 5.78 33.90 14.22
CA ASP A 90 7.19 33.53 14.02
C ASP A 90 7.90 33.28 15.37
N THR A 91 7.30 33.69 16.49
CA THR A 91 7.90 33.51 17.83
C THR A 91 7.85 32.07 18.32
N THR A 92 6.98 31.24 17.73
CA THR A 92 6.74 29.93 18.30
C THR A 92 7.93 29.03 18.04
N LEU A 93 8.55 29.15 16.84
CA LEU A 93 9.64 28.23 16.42
C LEU A 93 10.93 28.93 15.94
N ASN A 94 11.00 30.27 16.01
CA ASN A 94 12.20 31.03 15.52
C ASN A 94 12.77 31.87 16.68
N ALA A 95 14.08 32.13 16.67
CA ALA A 95 14.70 33.03 17.60
C ALA A 95 14.41 34.50 17.23
N VAL A 96 13.16 34.95 17.36
CA VAL A 96 12.81 36.33 17.03
C VAL A 96 11.90 36.84 18.13
N ASP A 97 12.13 38.08 18.56
CA ASP A 97 11.28 38.81 19.48
C ASP A 97 11.04 38.06 20.80
N GLY A 98 12.05 37.36 21.31
CA GLY A 98 11.96 36.65 22.58
C GLY A 98 11.81 35.13 22.40
N GLY A 99 11.57 34.67 21.17
CA GLY A 99 11.48 33.23 20.88
C GLY A 99 12.83 32.57 20.83
N ILE A 100 12.84 31.23 20.69
CA ILE A 100 14.05 30.43 20.52
C ILE A 100 13.85 29.49 19.32
N TYR A 101 14.96 29.15 18.64
CA TYR A 101 14.96 28.31 17.44
C TYR A 101 14.60 26.86 17.77
N LEU A 102 13.50 26.33 17.17
CA LEU A 102 13.04 24.94 17.42
C LEU A 102 12.86 24.19 16.11
N PRO A 103 13.96 23.85 15.41
CA PRO A 103 13.86 23.08 14.17
C PRO A 103 13.49 21.60 14.41
N ASN A 104 12.68 21.04 13.49
CA ASN A 104 12.16 19.68 13.55
C ASN A 104 11.64 19.29 12.16
N PHE A 105 11.36 18.01 11.96
CA PHE A 105 11.06 17.47 10.63
C PHE A 105 9.72 17.97 10.07
N LEU A 106 8.78 18.43 10.91
CA LEU A 106 7.57 19.08 10.38
C LEU A 106 7.98 20.44 9.78
N GLY A 107 9.03 21.06 10.34
CA GLY A 107 9.69 22.24 9.77
C GLY A 107 10.92 21.91 8.92
N MET A 108 10.89 20.79 8.18
CA MET A 108 11.89 20.49 7.16
C MET A 108 11.18 20.15 5.84
N ASP A 109 11.76 20.67 4.76
CA ASP A 109 11.45 20.21 3.42
C ASP A 109 12.24 18.94 3.14
N PRO A 110 11.84 18.15 2.12
CA PRO A 110 12.71 17.09 1.60
C PRO A 110 14.01 17.72 1.08
N PRO A 111 15.13 16.98 1.10
CA PRO A 111 15.17 15.56 1.43
C PRO A 111 15.32 15.19 2.92
N LYS A 112 15.71 16.15 3.76
CA LYS A 112 15.98 15.79 5.16
C LYS A 112 14.70 15.30 5.89
N HIS A 113 13.55 15.88 5.55
CA HIS A 113 12.24 15.51 6.21
C HIS A 113 12.12 13.99 6.30
N ASP A 114 12.29 13.29 5.16
CA ASP A 114 11.96 11.86 5.05
C ASP A 114 12.89 11.05 5.96
N VAL A 115 14.15 11.48 6.05
CA VAL A 115 15.17 10.80 6.89
C VAL A 115 14.76 10.81 8.36
N HIS A 116 14.26 11.96 8.86
CA HIS A 116 13.85 12.08 10.26
C HIS A 116 12.51 11.37 10.50
N ARG A 117 11.53 11.55 9.60
CA ARG A 117 10.22 10.89 9.79
C ARG A 117 10.37 9.36 9.89
N MET A 118 11.25 8.79 9.07
CA MET A 118 11.41 7.32 9.04
C MET A 118 11.90 6.75 10.38
N VAL A 119 12.70 7.52 11.11
CA VAL A 119 13.20 7.11 12.44
C VAL A 119 12.06 6.86 13.44
N VAL A 120 11.01 7.69 13.42
CA VAL A 120 9.92 7.56 14.40
C VAL A 120 8.68 6.84 13.83
N SER A 121 8.62 6.60 12.51
CA SER A 121 7.43 5.95 11.91
C SER A 121 7.13 4.55 12.46
N PRO A 122 8.10 3.75 12.99
CA PRO A 122 7.74 2.48 13.65
C PRO A 122 6.73 2.57 14.81
N ILE A 123 6.51 3.77 15.39
CA ILE A 123 5.54 3.91 16.48
C ILE A 123 4.13 3.58 15.96
N VAL A 124 3.93 3.66 14.65
CA VAL A 124 2.59 3.30 14.09
C VAL A 124 2.69 2.06 13.19
N ALA A 125 3.76 1.26 13.31
CA ALA A 125 3.73 -0.11 12.73
C ALA A 125 2.47 -0.87 13.17
N PRO A 126 1.86 -1.68 12.28
CA PRO A 126 0.60 -2.38 12.61
C PRO A 126 0.59 -3.11 13.96
N GLN A 127 1.64 -3.87 14.24
CA GLN A 127 1.69 -4.65 15.49
C GLN A 127 1.80 -3.72 16.71
N ASN A 128 2.48 -2.59 16.57
CA ASN A 128 2.53 -1.62 17.69
C ASN A 128 1.14 -0.99 17.92
N LEU A 129 0.42 -0.67 16.83
CA LEU A 129 -0.97 -0.11 17.00
C LEU A 129 -1.87 -1.06 17.80
N LEU A 130 -1.70 -2.38 17.58
CA LEU A 130 -2.49 -3.42 18.27
C LEU A 130 -2.16 -3.48 19.77
N ARG A 131 -0.87 -3.42 20.09
CA ARG A 131 -0.40 -3.46 21.49
C ARG A 131 -0.84 -2.20 22.23
N PHE A 132 -0.70 -1.08 21.52
CA PHE A 132 -1.10 0.22 22.04
C PHE A 132 -2.59 0.23 22.39
N GLU A 133 -3.42 -0.23 21.46
CA GLU A 133 -4.88 -0.26 21.66
C GLU A 133 -5.25 -1.08 22.91
N ALA A 134 -4.71 -2.28 23.03
CA ALA A 134 -4.98 -3.14 24.23
C ALA A 134 -4.55 -2.45 25.55
N THR A 135 -3.36 -1.83 25.56
CA THR A 135 -2.84 -1.13 26.76
C THR A 135 -3.76 0.02 27.16
N ILE A 136 -4.04 0.91 26.16
CA ILE A 136 -4.89 2.15 26.36
C ILE A 136 -6.27 1.77 26.93
N ARG A 137 -6.84 0.69 26.42
CA ARG A 137 -8.22 0.33 26.81
C ARG A 137 -8.33 0.23 28.33
N GLU A 138 -7.47 -0.61 28.94
CA GLU A 138 -7.48 -0.82 30.40
C GLU A 138 -7.19 0.49 31.16
N ARG A 139 -6.19 1.25 30.69
CA ARG A 139 -5.79 2.51 31.39
C ARG A 139 -6.94 3.51 31.37
N THR A 140 -7.66 3.54 30.25
CA THR A 140 -8.83 4.43 30.07
C THR A 140 -9.98 4.03 31.00
N LYS A 141 -10.29 2.73 31.02
CA LYS A 141 -11.32 2.19 31.93
C LYS A 141 -11.07 2.67 33.36
N ARG A 142 -9.81 2.59 33.80
CA ARG A 142 -9.48 2.88 35.19
C ARG A 142 -9.76 4.35 35.52
N VAL A 143 -9.45 5.27 34.59
CA VAL A 143 -9.72 6.73 34.76
C VAL A 143 -11.24 6.96 34.82
N LEU A 144 -11.99 6.45 33.82
CA LEU A 144 -13.39 6.79 33.72
C LEU A 144 -14.18 6.22 34.90
N SER A 145 -13.76 5.05 35.44
CA SER A 145 -14.56 4.46 36.51
C SER A 145 -14.45 5.26 37.82
N GLU A 146 -13.56 6.27 37.90
CA GLU A 146 -13.48 7.11 39.13
C GLU A 146 -14.17 8.48 38.99
N LEU A 147 -14.78 8.77 37.85
CA LEU A 147 -15.45 10.06 37.64
C LEU A 147 -16.78 10.03 38.39
N PRO A 148 -17.12 11.07 39.19
CA PRO A 148 -18.38 11.08 39.95
C PRO A 148 -19.59 11.23 39.02
N ILE A 149 -20.75 10.70 39.46
CA ILE A 149 -22.03 10.95 38.78
C ILE A 149 -22.78 12.08 39.52
N GLY A 150 -23.23 13.09 38.79
CA GLY A 150 -24.12 14.12 39.32
C GLY A 150 -23.41 15.17 40.14
N GLU A 151 -22.08 15.29 39.99
CA GLU A 151 -21.30 16.39 40.54
C GLU A 151 -20.56 17.09 39.40
N GLU A 152 -20.49 18.42 39.46
CA GLU A 152 -19.75 19.24 38.47
C GLU A 152 -18.24 19.02 38.62
N PHE A 153 -17.54 18.83 37.49
CA PHE A 153 -16.06 18.83 37.43
C PHE A 153 -15.63 19.48 36.10
N ASN A 154 -14.35 19.88 36.00
CA ASN A 154 -13.76 20.34 34.72
C ASN A 154 -13.34 19.12 33.87
N TRP A 155 -14.12 18.80 32.81
CA TRP A 155 -13.85 17.70 31.90
C TRP A 155 -12.43 17.81 31.31
N VAL A 156 -11.99 19.03 31.02
CA VAL A 156 -10.62 19.21 30.41
C VAL A 156 -9.58 18.62 31.37
N ASP A 157 -9.75 18.87 32.67
CA ASP A 157 -8.84 18.41 33.74
C ASP A 157 -8.97 16.90 33.96
N ARG A 158 -10.20 16.42 34.20
CA ARG A 158 -10.42 15.06 34.65
C ARG A 158 -10.40 14.05 33.51
N VAL A 159 -10.67 14.47 32.26
CA VAL A 159 -10.72 13.51 31.18
C VAL A 159 -9.63 13.83 30.14
N SER A 160 -9.72 15.00 29.50
CA SER A 160 -8.86 15.33 28.33
C SER A 160 -7.38 15.24 28.73
N ILE A 161 -6.98 15.99 29.78
CA ILE A 161 -5.57 16.01 30.22
C ILE A 161 -5.18 14.65 30.82
N GLU A 162 -6.05 14.11 31.70
CA GLU A 162 -5.77 12.83 32.36
C GLU A 162 -5.48 11.74 31.33
N LEU A 163 -6.35 11.56 30.33
CA LEU A 163 -6.13 10.49 29.36
C LEU A 163 -4.99 10.86 28.39
N THR A 164 -4.90 12.12 27.96
CA THR A 164 -3.92 12.49 26.93
C THR A 164 -2.50 12.30 27.47
N THR A 165 -2.26 12.76 28.70
CA THR A 165 -0.92 12.62 29.28
C THR A 165 -0.60 11.14 29.54
N MET A 166 -1.60 10.32 29.91
CA MET A 166 -1.41 8.84 30.02
C MET A 166 -1.02 8.24 28.65
N MET A 167 -1.74 8.64 27.60
CA MET A 167 -1.41 8.16 26.22
C MET A 167 0.03 8.55 25.83
N LEU A 168 0.40 9.84 25.96
CA LEU A 168 1.73 10.30 25.48
C LEU A 168 2.85 9.68 26.35
N ALA A 169 2.59 9.54 27.66
CA ALA A 169 3.53 8.85 28.56
C ALA A 169 3.77 7.40 28.11
N THR A 170 2.73 6.72 27.62
CA THR A 170 2.86 5.35 27.11
C THR A 170 3.80 5.36 25.88
N LEU A 171 3.61 6.34 24.98
CA LEU A 171 4.39 6.46 23.72
C LEU A 171 5.86 6.83 23.94
N LEU A 172 6.14 7.64 24.97
CA LEU A 172 7.50 8.08 25.36
C LEU A 172 8.14 7.16 26.44
N ASP A 173 7.38 6.24 27.04
CA ASP A 173 7.72 5.55 28.32
C ASP A 173 8.28 6.58 29.31
N PHE A 174 7.46 7.63 29.56
CA PHE A 174 7.77 8.73 30.45
C PHE A 174 7.31 8.35 31.85
N PRO A 175 8.08 8.64 32.91
CA PRO A 175 7.66 8.24 34.26
C PRO A 175 6.23 8.72 34.59
N PHE A 176 5.43 7.78 35.02
CA PHE A 176 4.05 8.01 35.08
C PHE A 176 3.70 9.09 36.11
N ASP A 177 4.43 9.12 37.22
CA ASP A 177 4.21 10.03 38.31
C ASP A 177 4.52 11.49 37.94
N ASP A 178 5.31 11.72 36.89
CA ASP A 178 5.71 13.07 36.45
C ASP A 178 4.91 13.52 35.23
N ARG A 179 3.86 12.78 34.85
CA ARG A 179 3.23 13.00 33.53
C ARG A 179 2.61 14.41 33.40
N ARG A 180 2.33 15.10 34.53
CA ARG A 180 1.80 16.48 34.48
C ARG A 180 2.82 17.45 33.83
N LYS A 181 4.10 17.09 33.85
CA LYS A 181 5.11 17.93 33.22
C LYS A 181 4.88 18.02 31.71
N LEU A 182 4.34 16.95 31.10
CA LEU A 182 4.17 16.90 29.67
C LEU A 182 3.13 17.94 29.26
N THR A 183 2.07 18.10 30.10
CA THR A 183 1.05 19.09 29.78
C THR A 183 1.63 20.50 29.91
N ARG A 184 2.45 20.74 30.94
CA ARG A 184 3.06 22.05 31.15
C ARG A 184 3.98 22.41 29.97
N TRP A 185 4.83 21.48 29.56
CA TRP A 185 5.82 21.79 28.52
C TRP A 185 5.11 22.04 27.17
N SER A 186 4.08 21.23 26.88
CA SER A 186 3.30 21.42 25.69
C SER A 186 2.69 22.84 25.67
N ASP A 187 2.01 23.18 26.76
CA ASP A 187 1.36 24.46 26.87
C ASP A 187 2.31 25.63 26.61
N ILE A 188 3.51 25.64 27.23
CA ILE A 188 4.43 26.80 27.10
C ILE A 188 5.04 26.90 25.69
N ILE A 189 5.13 25.79 24.94
CA ILE A 189 5.73 25.85 23.59
C ILE A 189 4.94 26.82 22.68
N THR A 190 3.60 26.73 22.70
CA THR A 190 2.73 27.52 21.78
C THR A 190 2.14 28.78 22.43
N THR A 191 2.72 29.28 23.53
CA THR A 191 2.23 30.49 24.20
C THR A 191 3.21 31.67 24.03
N ARG A 192 2.74 32.85 24.49
CA ARG A 192 3.52 34.10 24.55
C ARG A 192 3.33 34.73 25.95
N PRO A 193 4.25 35.60 26.40
CA PRO A 193 4.07 36.30 27.67
C PRO A 193 2.72 37.02 27.68
N GLY A 194 2.02 36.99 28.82
CA GLY A 194 0.77 37.69 28.98
C GLY A 194 -0.42 36.86 28.53
N TYR A 195 -0.18 35.64 28.01
CA TYR A 195 -1.30 34.78 27.55
C TYR A 195 -1.82 33.91 28.71
N GLY A 196 -1.28 34.08 29.93
CA GLY A 196 -1.83 33.43 31.15
C GLY A 196 -1.03 32.22 31.62
N LEU A 197 0.08 31.90 30.93
CA LEU A 197 0.90 30.73 31.32
C LEU A 197 2.30 31.16 31.81
N VAL A 198 2.99 31.96 31.00
CA VAL A 198 4.28 32.58 31.37
C VAL A 198 4.13 34.12 31.43
N ASP A 199 4.99 34.77 32.26
CA ASP A 199 5.05 36.21 32.45
C ASP A 199 6.12 36.83 31.54
N SER A 200 6.99 36.01 30.94
CA SER A 200 8.10 36.52 30.16
C SER A 200 8.60 35.43 29.20
N TRP A 201 9.32 35.84 28.15
CA TRP A 201 10.02 34.94 27.19
C TRP A 201 11.09 34.14 27.93
N GLU A 202 11.68 34.80 28.94
CA GLU A 202 12.77 34.24 29.71
C GLU A 202 12.25 33.04 30.50
N GLN A 203 11.05 33.19 31.10
CA GLN A 203 10.45 32.13 31.90
C GLN A 203 10.18 30.91 31.00
N ARG A 204 9.62 31.16 29.81
CA ARG A 204 9.40 30.14 28.78
C ARG A 204 10.72 29.41 28.48
N GLU A 205 11.79 30.19 28.25
CA GLU A 205 13.11 29.64 27.88
C GLU A 205 13.61 28.74 29.00
N SER A 206 13.52 29.21 30.25
CA SER A 206 13.93 28.41 31.45
C SER A 206 13.20 27.07 31.53
N GLU A 207 11.87 27.05 31.34
CA GLU A 207 11.10 25.82 31.45
C GLU A 207 11.47 24.85 30.31
N LEU A 208 11.78 25.38 29.11
CA LEU A 208 12.19 24.50 27.98
C LEU A 208 13.59 23.92 28.21
N MET A 209 14.45 24.63 28.96
CA MET A 209 15.84 24.10 29.25
C MET A 209 15.71 22.96 30.26
N GLU A 210 14.67 23.03 31.10
CA GLU A 210 14.37 22.02 32.11
C GLU A 210 13.83 20.78 31.39
N CYS A 211 12.95 21.00 30.41
CA CYS A 211 12.48 19.93 29.47
C CYS A 211 13.67 19.20 28.82
N LEU A 212 14.58 19.98 28.22
CA LEU A 212 15.76 19.43 27.55
C LEU A 212 16.59 18.58 28.52
N ALA A 213 16.83 19.06 29.73
CA ALA A 213 17.65 18.36 30.73
C ALA A 213 17.00 17.02 31.15
N TYR A 214 15.68 17.03 31.39
CA TYR A 214 14.91 15.85 31.73
C TYR A 214 14.98 14.80 30.61
N PHE A 215 14.75 15.23 29.37
CA PHE A 215 14.74 14.29 28.23
C PHE A 215 16.13 13.76 27.91
N GLN A 216 17.17 14.56 28.20
CA GLN A 216 18.53 14.14 27.97
C GLN A 216 18.83 12.95 28.90
N ARG A 217 18.36 13.04 30.15
CA ARG A 217 18.58 11.93 31.12
C ARG A 217 17.90 10.66 30.56
N LEU A 218 16.64 10.79 30.11
CA LEU A 218 15.91 9.63 29.56
C LEU A 218 16.62 9.07 28.32
N TYR A 219 17.04 9.96 27.41
CA TYR A 219 17.76 9.56 26.18
C TYR A 219 19.00 8.70 26.48
N ALA A 220 19.77 9.10 27.51
CA ALA A 220 21.03 8.44 27.88
C ALA A 220 20.71 7.05 28.44
N GLU A 221 19.60 6.94 29.19
CA GLU A 221 19.11 5.64 29.71
C GLU A 221 18.69 4.73 28.54
N ARG A 222 17.94 5.29 27.59
CA ARG A 222 17.44 4.48 26.46
C ARG A 222 18.57 4.03 25.52
N GLN A 223 19.65 4.82 25.40
CA GLN A 223 20.80 4.48 24.58
C GLN A 223 21.49 3.20 25.12
N ALA A 224 21.41 2.98 26.44
CA ALA A 224 22.13 1.90 27.19
C ALA A 224 21.23 0.69 27.50
N MET A 225 20.03 0.63 26.92
CA MET A 225 19.18 -0.55 27.00
C MET A 225 18.73 -0.93 25.61
N PRO A 226 18.18 -2.15 25.42
CA PRO A 226 17.82 -2.63 24.09
C PRO A 226 16.75 -1.74 23.47
N PRO A 227 16.67 -1.66 22.13
CA PRO A 227 15.58 -0.98 21.45
C PRO A 227 14.20 -1.45 21.94
N LYS A 228 13.29 -0.49 22.18
CA LYS A 228 11.91 -0.69 22.64
C LYS A 228 11.00 0.14 21.73
N PRO A 229 9.70 -0.20 21.59
CA PRO A 229 8.75 0.63 20.83
C PRO A 229 8.30 1.91 21.56
N ASP A 230 9.26 2.79 21.90
CA ASP A 230 8.91 4.10 22.42
C ASP A 230 9.72 5.13 21.60
N LEU A 231 9.21 6.37 21.53
CA LEU A 231 9.80 7.43 20.67
C LEU A 231 11.22 7.81 21.08
N ILE A 232 11.51 7.88 22.39
CA ILE A 232 12.87 8.28 22.84
C ILE A 232 13.89 7.17 22.49
N SER A 233 13.48 5.90 22.67
CA SER A 233 14.28 4.73 22.24
C SER A 233 14.62 4.78 20.75
N MET A 234 13.65 5.17 19.93
CA MET A 234 13.82 5.22 18.48
C MET A 234 14.85 6.30 18.08
N LEU A 235 14.80 7.47 18.74
CA LEU A 235 15.83 8.53 18.54
C LEU A 235 17.20 8.02 19.02
N ALA A 236 17.18 7.34 20.18
CA ALA A 236 18.44 6.98 20.87
C ALA A 236 19.22 5.90 20.10
N HIS A 237 18.53 5.08 19.31
CA HIS A 237 19.21 3.97 18.60
C HIS A 237 19.40 4.24 17.10
N SER A 238 19.03 5.44 16.61
CA SER A 238 19.06 5.75 15.21
C SER A 238 20.42 6.27 14.78
N PRO A 239 21.15 5.60 13.85
CA PRO A 239 22.39 6.15 13.27
C PRO A 239 22.24 7.59 12.75
N GLU A 240 21.09 7.90 12.10
CA GLU A 240 20.93 9.19 11.40
C GLU A 240 20.54 10.30 12.38
N MET A 241 20.43 9.98 13.68
CA MET A 241 20.09 10.97 14.72
C MET A 241 21.26 11.25 15.66
N GLN A 242 22.46 10.70 15.38
CA GLN A 242 23.56 10.74 16.36
C GLN A 242 24.24 12.13 16.35
N ASP A 243 24.08 12.92 15.28
CA ASP A 243 24.71 14.24 15.29
C ASP A 243 23.67 15.36 15.41
N LEU A 244 22.54 15.14 16.09
CA LEU A 244 21.62 16.25 16.35
C LEU A 244 22.38 17.24 17.22
N THR A 245 22.41 18.52 16.83
CA THR A 245 22.81 19.61 17.74
C THR A 245 21.80 19.72 18.90
N PRO A 246 22.19 20.35 20.04
CA PRO A 246 21.25 20.64 21.12
C PRO A 246 19.92 21.27 20.67
N THR A 247 20.02 22.28 19.78
CA THR A 247 18.87 22.96 19.18
C THR A 247 17.95 21.98 18.39
N ASP A 248 18.53 21.15 17.51
CA ASP A 248 17.74 20.20 16.72
C ASP A 248 17.07 19.17 17.66
N PHE A 249 17.77 18.75 18.72
CA PHE A 249 17.21 17.75 19.70
C PHE A 249 16.01 18.35 20.43
N LEU A 250 16.15 19.59 20.92
CA LEU A 250 15.06 20.28 21.63
C LEU A 250 13.89 20.55 20.67
N GLY A 251 14.17 20.95 19.42
CA GLY A 251 13.14 21.15 18.43
C GLY A 251 12.34 19.88 18.13
N THR A 252 13.03 18.75 17.99
CA THR A 252 12.43 17.46 17.77
C THR A 252 11.57 17.04 19.00
N LEU A 253 12.06 17.26 20.23
CA LEU A 253 11.22 16.96 21.39
C LEU A 253 9.94 17.81 21.41
N ALA A 254 10.09 19.11 21.12
CA ALA A 254 8.90 20.00 21.06
C ALA A 254 7.82 19.44 20.11
N LEU A 255 8.22 18.94 18.92
CA LEU A 255 7.30 18.41 17.95
C LEU A 255 6.56 17.19 18.52
N LEU A 256 7.28 16.29 19.19
CA LEU A 256 6.64 15.08 19.66
C LEU A 256 5.74 15.37 20.90
N ILE A 257 6.17 16.30 21.75
CA ILE A 257 5.35 16.67 22.94
C ILE A 257 4.05 17.40 22.56
N VAL A 258 4.11 18.46 21.73
CA VAL A 258 2.90 19.21 21.35
C VAL A 258 2.03 18.35 20.41
N GLY A 259 2.71 17.68 19.46
CA GLY A 259 2.04 16.94 18.43
C GLY A 259 1.03 15.94 18.98
N GLY A 260 1.40 15.21 20.04
CA GLY A 260 0.58 14.15 20.61
C GLY A 260 -0.33 14.64 21.75
N ASN A 261 0.00 15.79 22.32
CA ASN A 261 -0.66 16.29 23.53
C ASN A 261 -1.85 17.21 23.16
N ASP A 262 -1.56 18.34 22.52
CA ASP A 262 -2.54 19.44 22.42
C ASP A 262 -3.73 19.01 21.53
N THR A 263 -3.42 18.26 20.47
CA THR A 263 -4.32 17.79 19.43
C THR A 263 -5.34 16.78 19.98
N THR A 264 -4.83 15.72 20.61
CA THR A 264 -5.69 14.69 21.23
C THR A 264 -6.53 15.29 22.37
N ARG A 265 -5.94 16.17 23.19
CA ARG A 265 -6.64 16.83 24.29
C ARG A 265 -7.84 17.61 23.75
N SER A 266 -7.59 18.42 22.72
CA SER A 266 -8.64 19.21 22.07
C SER A 266 -9.77 18.32 21.52
N SER A 267 -9.45 17.17 20.91
CA SER A 267 -10.44 16.20 20.40
C SER A 267 -11.30 15.63 21.54
N MET A 268 -10.65 15.27 22.67
CA MET A 268 -11.38 14.79 23.84
C MET A 268 -12.29 15.87 24.43
N SER A 269 -11.87 17.14 24.43
CA SER A 269 -12.72 18.22 24.93
C SER A 269 -13.91 18.45 23.98
N GLY A 270 -13.66 18.42 22.67
CA GLY A 270 -14.73 18.53 21.67
C GLY A 270 -15.75 17.42 21.75
N SER A 271 -15.35 16.22 22.21
CA SER A 271 -16.26 15.09 22.36
C SER A 271 -17.36 15.44 23.36
N ALA A 272 -16.99 16.05 24.48
CA ALA A 272 -17.97 16.46 25.51
C ALA A 272 -18.88 17.56 24.96
N MET A 273 -18.30 18.55 24.27
CA MET A 273 -19.13 19.61 23.67
C MET A 273 -20.14 18.99 22.69
N ALA A 274 -19.72 18.01 21.87
CA ALA A 274 -20.57 17.38 20.86
C ALA A 274 -21.78 16.66 21.50
N CYS A 275 -21.52 15.87 22.53
CA CYS A 275 -22.56 15.13 23.23
C CYS A 275 -23.59 16.06 23.90
N HIS A 276 -23.17 17.25 24.36
CA HIS A 276 -24.12 18.22 24.98
C HIS A 276 -24.94 18.97 23.91
N LEU A 277 -24.27 19.50 22.89
CA LEU A 277 -24.94 20.27 21.85
C LEU A 277 -25.76 19.35 20.92
N TYR A 278 -25.37 18.08 20.77
CA TYR A 278 -26.06 17.15 19.86
C TYR A 278 -26.37 15.85 20.60
N PRO A 279 -27.20 15.90 21.65
CA PRO A 279 -27.44 14.71 22.48
C PRO A 279 -28.01 13.52 21.69
N GLN A 280 -28.78 13.79 20.61
CA GLN A 280 -29.37 12.70 19.79
C GLN A 280 -28.29 11.92 19.02
N GLU A 281 -27.17 12.56 18.73
CA GLU A 281 -26.08 11.86 18.03
C GLU A 281 -25.34 10.92 19.01
N PHE A 282 -25.16 11.34 20.25
CA PHE A 282 -24.62 10.46 21.27
C PHE A 282 -25.54 9.24 21.40
N ASP A 283 -26.85 9.48 21.58
CA ASP A 283 -27.88 8.41 21.65
C ASP A 283 -27.72 7.40 20.48
N LYS A 284 -27.49 7.88 19.26
CA LYS A 284 -27.39 7.00 18.10
C LYS A 284 -26.23 6.01 18.25
N VAL A 285 -25.03 6.54 18.52
CA VAL A 285 -23.88 5.64 18.59
C VAL A 285 -24.01 4.72 19.83
N ARG A 286 -24.58 5.20 20.95
CA ARG A 286 -24.87 4.31 22.14
C ARG A 286 -25.74 3.11 21.74
N ASN A 287 -26.68 3.33 20.82
CA ASN A 287 -27.64 2.30 20.42
C ASN A 287 -27.06 1.42 19.31
N ASN A 288 -26.06 1.92 18.58
CA ASN A 288 -25.49 1.21 17.44
C ASN A 288 -23.97 1.50 17.36
N ARG A 289 -23.17 0.56 17.87
CA ARG A 289 -21.71 0.74 18.07
C ARG A 289 -20.91 0.64 16.76
N ALA A 290 -21.56 0.17 15.70
CA ALA A 290 -20.93 0.16 14.38
C ALA A 290 -20.64 1.60 13.90
N LEU A 291 -21.35 2.61 14.47
CA LEU A 291 -21.19 4.05 14.14
C LEU A 291 -19.86 4.64 14.67
N LEU A 292 -19.16 3.92 15.56
CA LEU A 292 -17.82 4.38 16.01
C LEU A 292 -16.90 4.68 14.82
N ALA A 293 -17.00 3.88 13.74
CA ALA A 293 -16.20 4.03 12.52
C ALA A 293 -16.35 5.44 11.90
N SER A 294 -17.54 6.05 12.01
CA SER A 294 -17.85 7.34 11.39
C SER A 294 -17.81 8.47 12.44
N VAL A 295 -18.11 8.16 13.72
CA VAL A 295 -18.11 9.15 14.79
C VAL A 295 -16.69 9.72 15.02
N ILE A 296 -15.67 8.87 15.01
CA ILE A 296 -14.33 9.29 15.47
C ILE A 296 -13.75 10.30 14.48
N PRO A 297 -13.72 10.01 13.16
CA PRO A 297 -13.27 11.01 12.18
C PRO A 297 -14.12 12.29 12.23
N GLU A 298 -15.42 12.20 12.55
CA GLU A 298 -16.30 13.37 12.58
C GLU A 298 -15.96 14.27 13.78
N VAL A 299 -15.63 13.70 14.95
CA VAL A 299 -15.08 14.45 16.14
C VAL A 299 -13.91 15.34 15.71
N VAL A 300 -13.00 14.74 14.96
CA VAL A 300 -11.75 15.39 14.54
C VAL A 300 -12.05 16.50 13.49
N ARG A 301 -12.97 16.21 12.54
CA ARG A 301 -13.38 17.27 11.55
C ARG A 301 -14.11 18.43 12.25
N TRP A 302 -15.12 18.08 13.09
CA TRP A 302 -15.97 19.08 13.73
C TRP A 302 -15.14 19.96 14.70
N GLN A 303 -14.27 19.34 15.51
CA GLN A 303 -13.45 20.15 16.43
C GLN A 303 -12.35 20.93 15.67
N THR A 304 -11.75 20.31 14.66
CA THR A 304 -10.52 20.83 14.00
C THR A 304 -9.49 21.33 15.03
N PRO A 305 -8.72 20.42 15.66
CA PRO A 305 -7.77 20.80 16.71
C PRO A 305 -6.64 21.75 16.30
N ILE A 306 -6.19 21.65 15.04
CA ILE A 306 -5.18 22.56 14.49
C ILE A 306 -5.90 23.43 13.45
N ALA A 307 -6.04 24.73 13.74
CA ALA A 307 -6.87 25.66 12.95
C ALA A 307 -6.20 26.05 11.61
N HIS A 308 -4.86 26.05 11.57
CA HIS A 308 -4.10 26.38 10.37
C HIS A 308 -2.72 25.67 10.40
N MET A 309 -2.10 25.61 9.20
CA MET A 309 -0.65 25.44 9.04
C MET A 309 -0.21 26.46 8.00
N ARG A 310 1.04 26.88 8.08
CA ARG A 310 1.57 27.99 7.27
C ARG A 310 2.72 27.47 6.38
N ARG A 311 2.86 28.13 5.21
CA ARG A 311 3.94 27.84 4.24
C ARG A 311 4.58 29.16 3.85
N THR A 312 5.73 29.10 3.16
CA THR A 312 6.37 30.27 2.58
C THR A 312 6.65 29.99 1.11
N ALA A 313 6.19 30.87 0.19
CA ALA A 313 6.38 30.63 -1.25
C ALA A 313 7.86 30.73 -1.63
N LEU A 314 8.36 29.71 -2.34
CA LEU A 314 9.77 29.68 -2.86
C LEU A 314 9.85 30.17 -4.30
N GLU A 315 8.69 30.36 -4.96
CA GLU A 315 8.58 30.79 -6.35
C GLU A 315 7.45 31.79 -6.49
N ASP A 316 7.53 32.67 -7.48
CA ASP A 316 6.37 33.45 -7.91
C ASP A 316 5.35 32.49 -8.52
N VAL A 317 4.07 32.61 -8.16
CA VAL A 317 3.09 31.65 -8.62
C VAL A 317 1.73 32.33 -8.67
N GLU A 318 1.09 32.12 -9.82
CA GLU A 318 -0.28 32.49 -10.05
C GLU A 318 -1.19 31.34 -9.62
N PHE A 319 -1.99 31.60 -8.58
CA PHE A 319 -2.86 30.62 -7.93
C PHE A 319 -4.29 31.18 -7.85
N ARG A 320 -5.22 30.49 -8.53
CA ARG A 320 -6.60 30.92 -8.61
C ARG A 320 -6.66 32.40 -9.03
N GLY A 321 -5.84 32.79 -9.99
CA GLY A 321 -5.93 34.17 -10.53
C GLY A 321 -5.16 35.21 -9.72
N LYS A 322 -4.55 34.85 -8.57
CA LYS A 322 -3.85 35.80 -7.68
C LYS A 322 -2.35 35.59 -7.83
N GLN A 323 -1.60 36.69 -7.80
CA GLN A 323 -0.16 36.68 -7.94
C GLN A 323 0.50 36.58 -6.57
N ILE A 324 0.83 35.36 -6.13
CA ILE A 324 1.66 35.13 -4.92
C ILE A 324 3.10 35.42 -5.33
N ARG A 325 3.87 36.10 -4.47
CA ARG A 325 5.29 36.42 -4.73
C ARG A 325 6.20 35.53 -3.87
N LYS A 326 7.40 35.21 -4.41
CA LYS A 326 8.44 34.55 -3.67
C LYS A 326 8.60 35.27 -2.33
N GLY A 327 8.64 34.50 -1.22
CA GLY A 327 8.86 35.00 0.14
C GLY A 327 7.56 35.28 0.89
N ASP A 328 6.41 35.23 0.21
CA ASP A 328 5.08 35.50 0.85
C ASP A 328 4.65 34.35 1.77
N LYS A 329 4.06 34.71 2.91
CA LYS A 329 3.42 33.75 3.83
C LYS A 329 2.09 33.30 3.23
N VAL A 330 1.83 31.98 3.29
CA VAL A 330 0.60 31.38 2.78
C VAL A 330 0.02 30.49 3.87
N VAL A 331 -1.23 30.75 4.27
CA VAL A 331 -1.84 30.08 5.39
C VAL A 331 -3.03 29.25 4.92
N MET A 332 -2.97 27.95 5.23
CA MET A 332 -4.03 26.99 5.01
C MET A 332 -4.93 27.00 6.26
N TRP A 333 -6.13 27.60 6.15
CA TRP A 333 -7.13 27.62 7.26
C TRP A 333 -7.97 26.34 7.28
N TYR A 334 -7.44 25.26 7.88
CA TYR A 334 -8.19 23.98 8.02
C TYR A 334 -9.58 24.21 8.67
N LEU A 335 -9.69 25.16 9.61
CA LEU A 335 -10.97 25.47 10.30
C LEU A 335 -12.01 25.99 9.31
N SER A 336 -11.59 26.70 8.26
CA SER A 336 -12.46 27.13 7.16
C SER A 336 -12.77 25.98 6.20
N GLY A 337 -11.74 25.27 5.75
CA GLY A 337 -11.88 24.20 4.77
C GLY A 337 -12.84 23.13 5.22
N ASN A 338 -12.86 22.85 6.53
CA ASN A 338 -13.68 21.79 7.11
C ASN A 338 -15.13 22.25 7.27
N ARG A 339 -15.39 23.52 6.91
CA ARG A 339 -16.73 24.10 6.84
C ARG A 339 -17.13 24.50 5.40
N ASP A 340 -16.42 24.00 4.37
CA ASP A 340 -16.70 24.32 2.95
C ASP A 340 -17.82 23.39 2.44
N ASP A 341 -19.03 23.95 2.24
CA ASP A 341 -20.18 23.12 2.00
C ASP A 341 -20.24 22.72 0.52
N GLU A 342 -19.31 23.19 -0.31
CA GLU A 342 -19.10 22.58 -1.62
C GLU A 342 -18.64 21.12 -1.50
N VAL A 343 -17.95 20.77 -0.41
CA VAL A 343 -17.38 19.42 -0.19
C VAL A 343 -18.12 18.68 0.93
N ILE A 344 -18.55 19.40 1.99
CA ILE A 344 -19.10 18.78 3.20
C ILE A 344 -20.49 19.39 3.49
N ASP A 345 -21.55 18.56 3.44
CA ASP A 345 -22.94 19.00 3.67
C ASP A 345 -23.17 19.34 5.16
N ARG A 346 -23.91 20.43 5.41
CA ARG A 346 -24.27 20.94 6.76
C ARG A 346 -23.07 20.82 7.69
N PRO A 347 -21.93 21.46 7.35
CA PRO A 347 -20.68 21.20 8.08
C PRO A 347 -20.60 21.83 9.47
N MET A 348 -21.54 22.72 9.85
CA MET A 348 -21.45 23.35 11.18
C MET A 348 -21.89 22.36 12.26
N ASP A 349 -22.66 21.35 11.86
CA ASP A 349 -23.23 20.42 12.82
C ASP A 349 -22.39 19.14 12.89
N PHE A 350 -22.49 18.51 14.06
CA PHE A 350 -21.90 17.19 14.37
C PHE A 350 -22.92 16.11 13.94
N ILE A 351 -22.48 15.20 13.04
CA ILE A 351 -23.31 14.15 12.43
C ILE A 351 -22.61 12.81 12.63
N ALA A 352 -23.13 11.99 13.54
CA ALA A 352 -22.53 10.71 13.97
C ALA A 352 -22.33 9.74 12.80
N ASP A 353 -23.13 9.90 11.75
CA ASP A 353 -23.37 8.90 10.74
C ASP A 353 -23.03 9.43 9.33
N ARG A 354 -22.12 10.41 9.22
CA ARG A 354 -21.84 11.13 7.96
C ARG A 354 -21.25 10.18 6.91
N PRO A 355 -21.65 10.26 5.62
CA PRO A 355 -20.95 9.53 4.56
C PRO A 355 -19.56 10.16 4.27
N ARG A 356 -18.57 9.30 3.96
CA ARG A 356 -17.16 9.63 3.65
C ARG A 356 -16.57 10.49 4.79
N ALA A 357 -16.70 9.99 6.03
CA ALA A 357 -16.43 10.78 7.26
C ALA A 357 -14.93 11.00 7.41
N ARG A 358 -14.11 10.15 6.79
CA ARG A 358 -12.65 10.32 6.78
C ARG A 358 -12.16 11.41 5.80
N HIS A 359 -13.04 11.98 4.99
CA HIS A 359 -12.64 13.01 4.00
C HIS A 359 -12.72 14.40 4.64
N HIS A 360 -11.68 14.75 5.41
CA HIS A 360 -11.55 16.04 6.11
C HIS A 360 -10.08 16.47 6.10
N LEU A 361 -9.81 17.71 6.51
CA LEU A 361 -8.49 18.33 6.38
C LEU A 361 -7.71 18.26 7.72
N SER A 362 -8.29 17.77 8.82
CA SER A 362 -7.70 18.03 10.15
C SER A 362 -6.28 17.45 10.36
N PHE A 363 -5.88 16.44 9.55
CA PHE A 363 -4.56 15.76 9.64
C PHE A 363 -3.64 16.21 8.48
N GLY A 364 -4.12 17.18 7.68
CA GLY A 364 -3.41 17.60 6.46
C GLY A 364 -3.46 16.56 5.34
N PHE A 365 -2.66 16.81 4.29
CA PHE A 365 -2.52 15.98 3.10
C PHE A 365 -1.10 16.17 2.58
N GLY A 366 -0.51 15.11 2.01
CA GLY A 366 0.79 15.16 1.41
C GLY A 366 1.86 14.57 2.30
N ILE A 367 3.12 14.98 2.08
CA ILE A 367 4.27 14.37 2.73
C ILE A 367 4.31 14.64 4.24
N HIS A 368 3.70 15.76 4.72
CA HIS A 368 3.65 16.04 6.17
C HIS A 368 2.34 15.54 6.83
N ARG A 369 1.50 14.77 6.14
CA ARG A 369 0.21 14.28 6.74
C ARG A 369 0.52 13.66 8.11
N CYS A 370 -0.34 13.94 9.10
CA CYS A 370 -0.12 13.54 10.52
C CYS A 370 0.39 12.10 10.66
N LEU A 371 1.56 11.95 11.30
CA LEU A 371 2.19 10.62 11.51
C LEU A 371 1.39 9.80 12.54
N GLY A 372 0.78 10.49 13.50
CA GLY A 372 0.20 9.84 14.67
C GLY A 372 -1.32 9.72 14.59
N ASN A 373 -1.91 9.88 13.40
CA ASN A 373 -3.39 9.97 13.30
C ASN A 373 -4.06 8.68 13.83
N ARG A 374 -3.46 7.50 13.57
CA ARG A 374 -4.06 6.21 14.01
C ARG A 374 -4.04 6.05 15.55
N LEU A 375 -3.00 6.60 16.19
CA LEU A 375 -2.89 6.56 17.66
C LEU A 375 -4.00 7.41 18.27
N ALA A 376 -4.16 8.64 17.75
CA ALA A 376 -5.25 9.53 18.24
C ALA A 376 -6.61 8.84 18.04
N GLU A 377 -6.83 8.29 16.85
CA GLU A 377 -8.16 7.73 16.54
C GLU A 377 -8.46 6.52 17.45
N LEU A 378 -7.44 5.73 17.80
CA LEU A 378 -7.64 4.54 18.64
C LEU A 378 -7.97 4.97 20.08
N GLN A 379 -7.28 6.01 20.59
CA GLN A 379 -7.56 6.53 21.94
C GLN A 379 -8.98 7.14 22.00
N LEU A 380 -9.38 7.83 20.93
CA LEU A 380 -10.73 8.46 20.89
C LEU A 380 -11.82 7.37 20.81
N LYS A 381 -11.57 6.33 20.02
CA LYS A 381 -12.49 5.15 19.93
C LYS A 381 -12.76 4.56 21.31
N ILE A 382 -11.69 4.32 22.06
CA ILE A 382 -11.79 3.68 23.38
C ILE A 382 -12.53 4.61 24.34
N LEU A 383 -12.24 5.93 24.32
CA LEU A 383 -13.03 6.87 25.15
C LEU A 383 -14.53 6.79 24.79
N TRP A 384 -14.87 6.78 23.49
CA TRP A 384 -16.32 6.79 23.07
C TRP A 384 -17.01 5.46 23.43
N GLU A 385 -16.32 4.33 23.22
CA GLU A 385 -16.81 2.98 23.72
C GLU A 385 -17.24 3.11 25.18
N GLU A 386 -16.36 3.68 26.00
CA GLU A 386 -16.61 3.78 27.47
C GLU A 386 -17.71 4.79 27.82
N MET A 387 -17.73 5.96 27.16
CA MET A 387 -18.84 6.92 27.38
C MET A 387 -20.18 6.24 27.08
N CYS A 388 -20.28 5.56 25.93
CA CYS A 388 -21.47 4.84 25.48
C CYS A 388 -21.93 3.82 26.54
N GLU A 389 -20.99 3.12 27.19
CA GLU A 389 -21.34 2.07 28.17
C GLU A 389 -21.76 2.66 29.51
N ARG A 390 -21.20 3.81 29.90
CA ARG A 390 -21.38 4.28 31.29
C ARG A 390 -22.41 5.43 31.43
N TYR A 391 -22.68 6.21 30.36
CA TYR A 391 -23.45 7.48 30.54
C TYR A 391 -24.69 7.52 29.62
N SER A 392 -25.81 8.03 30.17
CA SER A 392 -27.04 8.38 29.43
C SER A 392 -26.93 9.78 28.80
N ARG A 393 -26.24 10.72 29.45
CA ARG A 393 -25.89 11.96 28.77
C ARG A 393 -24.77 12.73 29.49
N ILE A 394 -24.14 13.59 28.69
CA ILE A 394 -23.07 14.45 29.09
C ILE A 394 -23.61 15.88 29.02
N GLU A 395 -23.69 16.56 30.17
CA GLU A 395 -24.27 17.89 30.32
C GLU A 395 -23.13 18.89 30.55
N VAL A 396 -22.97 19.87 29.66
CA VAL A 396 -22.15 21.04 29.91
C VAL A 396 -23.00 22.04 30.71
N CYS A 397 -22.55 22.38 31.94
CA CYS A 397 -23.43 23.06 32.93
C CYS A 397 -22.85 24.39 33.35
N GLY A 398 -21.81 24.88 32.66
CA GLY A 398 -21.28 26.22 32.95
C GLY A 398 -20.51 26.72 31.75
N GLU A 399 -19.87 27.89 31.88
CA GLU A 399 -19.31 28.56 30.70
C GLU A 399 -18.06 27.81 30.22
N PRO A 400 -17.98 27.38 28.94
CA PRO A 400 -16.72 26.90 28.39
C PRO A 400 -15.69 28.02 28.25
N VAL A 401 -14.42 27.71 28.52
CA VAL A 401 -13.34 28.68 28.38
C VAL A 401 -12.34 28.11 27.36
N ARG A 402 -12.09 28.90 26.31
CA ARG A 402 -11.32 28.40 25.14
C ARG A 402 -9.90 28.95 25.23
N VAL A 403 -8.98 28.28 24.53
CA VAL A 403 -7.55 28.66 24.44
C VAL A 403 -7.37 29.87 23.53
N PRO A 404 -6.70 30.95 23.99
CA PRO A 404 -6.38 32.09 23.13
C PRO A 404 -5.23 31.79 22.15
N SER A 405 -5.55 31.11 21.05
CA SER A 405 -4.52 30.72 20.03
C SER A 405 -5.14 30.64 18.63
N ASN A 406 -4.37 31.03 17.58
CA ASN A 406 -4.80 30.88 16.19
C ASN A 406 -4.32 29.54 15.65
N LEU A 407 -3.65 28.74 16.48
CA LEU A 407 -3.05 27.43 16.07
C LEU A 407 -3.80 26.29 16.73
N VAL A 408 -3.84 26.31 18.06
CA VAL A 408 -4.51 25.31 18.88
C VAL A 408 -5.96 25.74 19.11
N HIS A 409 -6.91 24.92 18.63
CA HIS A 409 -8.34 25.20 18.62
C HIS A 409 -8.98 24.27 19.65
N GLY A 410 -9.02 24.71 20.91
CA GLY A 410 -9.36 23.81 22.01
C GLY A 410 -9.81 24.59 23.25
N TYR A 411 -9.78 23.86 24.38
CA TYR A 411 -10.45 24.33 25.67
C TYR A 411 -9.54 24.27 26.91
N ILE A 412 -9.76 25.26 27.81
CA ILE A 412 -9.16 25.32 29.14
C ILE A 412 -10.12 24.73 30.19
N ASP A 413 -11.40 25.01 30.05
CA ASP A 413 -12.41 24.62 31.06
C ASP A 413 -13.73 24.28 30.36
N ILE A 414 -14.27 23.09 30.65
CA ILE A 414 -15.62 22.69 30.31
C ILE A 414 -16.25 22.06 31.57
N PRO A 415 -17.06 22.84 32.33
CA PRO A 415 -17.81 22.28 33.46
C PRO A 415 -18.86 21.28 32.99
N VAL A 416 -18.74 20.02 33.45
CA VAL A 416 -19.77 19.04 33.08
C VAL A 416 -20.30 18.29 34.31
N ARG A 417 -21.51 17.77 34.11
CA ARG A 417 -22.11 16.77 35.00
C ARG A 417 -22.44 15.56 34.15
N LEU A 418 -22.11 14.38 34.68
CA LEU A 418 -22.41 13.13 34.04
C LEU A 418 -23.70 12.55 34.60
N HIS A 419 -24.48 11.90 33.74
CA HIS A 419 -25.77 11.28 34.07
C HIS A 419 -25.70 9.79 33.72
N ALA A 420 -26.24 8.96 34.61
CA ALA A 420 -26.30 7.52 34.41
C ALA A 420 -27.69 7.02 34.84
N ASP B 9 -23.12 -46.82 14.29
CA ASP B 9 -23.83 -45.68 13.63
C ASP B 9 -25.18 -46.17 13.10
N ALA B 10 -25.18 -47.23 12.27
CA ALA B 10 -26.40 -47.81 11.66
C ALA B 10 -27.40 -48.32 12.71
N GLU B 11 -26.89 -48.92 13.82
CA GLU B 11 -27.73 -49.43 14.93
C GLU B 11 -28.40 -48.25 15.67
N ILE B 12 -27.59 -47.32 16.17
CA ILE B 12 -28.04 -46.12 16.93
C ILE B 12 -29.01 -45.29 16.08
N ALA B 13 -28.67 -45.12 14.77
CA ALA B 13 -29.46 -44.26 13.85
C ALA B 13 -30.88 -44.82 13.68
N ARG B 14 -30.99 -46.16 13.55
CA ARG B 14 -32.27 -46.83 13.28
C ARG B 14 -33.16 -46.83 14.54
N SER B 15 -32.54 -46.92 15.75
CA SER B 15 -33.23 -47.22 17.04
C SER B 15 -33.68 -45.97 17.82
N ILE B 16 -32.85 -44.93 17.95
CA ILE B 16 -33.21 -43.74 18.79
C ILE B 16 -34.32 -42.94 18.10
N ALA B 17 -35.08 -42.19 18.91
CA ALA B 17 -36.19 -41.40 18.40
C ALA B 17 -35.63 -40.28 17.52
N LEU B 18 -36.42 -39.88 16.54
CA LEU B 18 -36.07 -38.85 15.59
C LEU B 18 -35.64 -37.58 16.31
N GLU B 19 -36.39 -37.16 17.35
CA GLU B 19 -36.09 -35.89 18.05
C GLU B 19 -34.73 -35.93 18.77
N ASP B 20 -34.08 -37.09 18.96
CA ASP B 20 -32.79 -37.14 19.73
C ASP B 20 -31.58 -37.12 18.79
N ILE B 21 -31.78 -37.03 17.46
CA ILE B 21 -30.64 -37.06 16.46
C ILE B 21 -29.98 -35.70 16.44
N ASP B 22 -28.65 -35.68 16.67
CA ASP B 22 -27.82 -34.47 16.45
C ASP B 22 -26.67 -34.83 15.50
N VAL B 23 -26.78 -34.41 14.23
CA VAL B 23 -25.77 -34.73 13.20
C VAL B 23 -24.59 -33.74 13.24
N SER B 24 -24.51 -32.82 14.21
CA SER B 24 -23.47 -31.77 14.20
C SER B 24 -22.21 -32.18 14.98
N LYS B 25 -22.25 -33.31 15.68
CA LYS B 25 -21.13 -33.76 16.55
C LYS B 25 -19.87 -34.02 15.72
N PRO B 26 -18.75 -33.27 15.94
CA PRO B 26 -17.52 -33.52 15.19
C PRO B 26 -16.99 -34.97 15.21
N GLU B 27 -17.30 -35.72 16.28
CA GLU B 27 -16.88 -37.10 16.33
C GLU B 27 -17.49 -37.94 15.19
N LEU B 28 -18.72 -37.66 14.75
CA LEU B 28 -19.30 -38.32 13.59
C LEU B 28 -18.46 -38.06 12.34
N PHE B 29 -17.90 -36.87 12.22
CA PHE B 29 -17.10 -36.50 11.02
C PHE B 29 -15.72 -37.18 11.05
N GLU B 30 -15.20 -37.43 12.25
CA GLU B 30 -13.94 -38.16 12.42
C GLU B 30 -14.06 -39.56 11.82
N ARG B 31 -15.24 -40.16 11.88
CA ARG B 31 -15.46 -41.55 11.37
C ARG B 31 -16.16 -41.54 9.99
N ASP B 32 -16.35 -40.36 9.42
CA ASP B 32 -17.18 -40.13 8.25
C ASP B 32 -18.45 -40.97 8.37
N GLY B 33 -19.12 -40.83 9.54
CA GLY B 33 -20.21 -41.73 9.96
C GLY B 33 -21.62 -41.17 9.76
N LEU B 34 -21.81 -40.15 8.88
CA LEU B 34 -23.10 -39.39 8.86
C LEU B 34 -24.18 -40.11 8.03
N HIS B 35 -23.77 -40.98 7.07
CA HIS B 35 -24.70 -41.42 6.02
C HIS B 35 -25.90 -42.20 6.61
N PRO B 36 -25.77 -43.11 7.60
CA PRO B 36 -26.94 -43.73 8.21
C PRO B 36 -27.94 -42.72 8.82
N TYR B 37 -27.47 -41.61 9.40
CA TYR B 37 -28.36 -40.62 9.97
C TYR B 37 -29.05 -39.83 8.83
N PHE B 38 -28.27 -39.42 7.81
CA PHE B 38 -28.86 -38.66 6.70
C PHE B 38 -29.89 -39.49 5.93
N GLU B 39 -29.63 -40.80 5.76
CA GLU B 39 -30.53 -41.73 5.08
C GLU B 39 -31.89 -41.77 5.80
N ARG B 40 -31.89 -41.81 7.12
CA ARG B 40 -33.12 -41.83 7.91
C ARG B 40 -33.87 -40.49 7.80
N LEU B 41 -33.15 -39.37 7.93
CA LEU B 41 -33.75 -38.01 7.80
C LEU B 41 -34.38 -37.76 6.42
N ARG B 42 -33.64 -38.04 5.32
CA ARG B 42 -34.15 -37.79 3.99
C ARG B 42 -35.46 -38.57 3.78
N ARG B 43 -35.52 -39.79 4.32
CA ARG B 43 -36.66 -40.72 4.22
C ARG B 43 -37.84 -40.31 5.12
N GLU B 44 -37.57 -39.96 6.38
CA GLU B 44 -38.62 -39.82 7.42
C GLU B 44 -38.91 -38.37 7.82
N ASP B 45 -37.94 -37.45 7.69
CA ASP B 45 -38.09 -36.09 8.26
C ASP B 45 -37.08 -35.14 7.62
N PRO B 46 -37.26 -34.83 6.33
CA PRO B 46 -36.28 -34.07 5.55
C PRO B 46 -36.06 -32.60 5.96
N VAL B 47 -37.00 -32.05 6.74
CA VAL B 47 -36.88 -30.75 7.36
C VAL B 47 -37.01 -30.95 8.89
N HIS B 48 -35.87 -31.20 9.53
CA HIS B 48 -35.78 -31.79 10.89
C HIS B 48 -35.29 -30.76 11.92
N TYR B 49 -35.99 -30.67 13.06
CA TYR B 49 -35.58 -29.78 14.17
C TYR B 49 -34.82 -30.57 15.24
N CYS B 50 -33.58 -30.15 15.53
CA CYS B 50 -32.79 -30.70 16.62
C CYS B 50 -32.81 -29.70 17.80
N LYS B 51 -33.29 -30.15 18.97
CA LYS B 51 -33.50 -29.28 20.15
C LYS B 51 -32.24 -29.18 20.99
N ALA B 52 -31.35 -30.18 20.87
CA ALA B 52 -30.23 -30.40 21.76
C ALA B 52 -28.89 -30.46 21.01
N SER B 53 -28.13 -29.37 21.03
CA SER B 53 -26.77 -29.39 20.44
C SER B 53 -25.91 -28.34 21.10
N GLU B 54 -24.60 -28.49 20.95
CA GLU B 54 -23.60 -27.56 21.46
C GLU B 54 -23.81 -26.14 20.90
N TYR B 55 -24.37 -26.04 19.69
CA TYR B 55 -24.59 -24.78 18.91
C TYR B 55 -26.02 -24.23 19.09
N GLY B 56 -26.75 -24.80 20.07
CA GLY B 56 -28.18 -24.58 20.31
C GLY B 56 -29.03 -25.33 19.29
N PRO B 57 -30.36 -25.13 19.31
CA PRO B 57 -31.22 -25.78 18.32
C PRO B 57 -30.99 -25.32 16.88
N TYR B 58 -31.29 -26.19 15.93
CA TYR B 58 -31.15 -25.85 14.47
C TYR B 58 -31.99 -26.82 13.63
N TRP B 59 -32.37 -26.34 12.46
CA TRP B 59 -33.06 -27.15 11.47
C TRP B 59 -32.02 -27.76 10.51
N SER B 60 -32.20 -29.05 10.18
CA SER B 60 -31.44 -29.75 9.14
C SER B 60 -32.27 -29.94 7.86
N ILE B 61 -31.72 -29.48 6.73
CA ILE B 61 -32.27 -29.61 5.38
C ILE B 61 -31.38 -30.63 4.63
N THR B 62 -31.92 -31.82 4.33
CA THR B 62 -31.13 -33.00 3.90
C THR B 62 -31.34 -33.44 2.44
N LYS B 63 -32.47 -33.08 1.79
CA LYS B 63 -32.72 -33.50 0.38
C LYS B 63 -32.16 -32.44 -0.61
N PHE B 64 -31.68 -32.91 -1.77
CA PHE B 64 -31.03 -32.08 -2.84
C PHE B 64 -31.94 -30.88 -3.23
N SER B 65 -33.20 -31.17 -3.61
CA SER B 65 -34.08 -30.13 -4.13
C SER B 65 -34.47 -29.10 -3.06
N ASP B 66 -34.63 -29.55 -1.80
CA ASP B 66 -34.89 -28.67 -0.67
C ASP B 66 -33.69 -27.73 -0.42
N ILE B 67 -32.46 -28.26 -0.46
CA ILE B 67 -31.27 -27.44 -0.27
C ILE B 67 -31.22 -26.34 -1.34
N VAL B 68 -31.50 -26.70 -2.60
CA VAL B 68 -31.54 -25.73 -3.71
C VAL B 68 -32.53 -24.60 -3.41
N ALA B 69 -33.71 -24.94 -2.89
CA ALA B 69 -34.70 -23.91 -2.53
C ALA B 69 -34.18 -22.95 -1.44
N ILE B 70 -33.51 -23.46 -0.39
CA ILE B 70 -32.99 -22.61 0.69
C ILE B 70 -31.89 -21.66 0.14
N ASP B 71 -30.96 -22.23 -0.63
CA ASP B 71 -29.78 -21.52 -1.15
C ASP B 71 -30.27 -20.38 -2.08
N THR B 72 -31.33 -20.67 -2.88
CA THR B 72 -31.90 -19.70 -3.86
C THR B 72 -32.68 -18.60 -3.13
N ASN B 73 -33.29 -18.90 -1.97
CA ASN B 73 -34.14 -17.92 -1.21
C ASN B 73 -33.28 -17.20 -0.14
N HIS B 74 -32.33 -16.37 -0.62
CA HIS B 74 -31.18 -15.93 0.16
C HIS B 74 -31.49 -14.73 1.07
N LYS B 75 -32.70 -14.12 0.99
CA LYS B 75 -33.04 -12.97 1.84
C LYS B 75 -33.65 -13.47 3.15
N VAL B 76 -34.68 -14.30 3.06
CA VAL B 76 -35.36 -14.78 4.27
C VAL B 76 -34.50 -15.81 5.00
N PHE B 77 -33.77 -16.63 4.22
CA PHE B 77 -32.72 -17.52 4.82
C PHE B 77 -31.37 -16.80 4.67
N SER B 78 -31.07 -15.94 5.63
CA SER B 78 -30.05 -14.91 5.52
C SER B 78 -28.67 -15.48 5.90
N SER B 79 -27.66 -14.98 5.19
CA SER B 79 -26.24 -15.23 5.46
C SER B 79 -25.60 -14.08 6.26
N ASP B 80 -26.33 -12.97 6.46
CA ASP B 80 -25.70 -11.66 6.81
C ASP B 80 -25.06 -11.76 8.19
N HIS B 81 -23.88 -11.14 8.31
CA HIS B 81 -23.10 -11.13 9.56
C HIS B 81 -23.88 -10.44 10.69
N THR B 82 -24.84 -9.58 10.36
CA THR B 82 -25.65 -8.95 11.45
C THR B 82 -26.67 -9.94 12.04
N ASN B 83 -26.89 -11.08 11.37
CA ASN B 83 -27.83 -12.14 11.82
C ASN B 83 -27.11 -13.40 12.31
N GLY B 84 -25.77 -13.44 12.22
CA GLY B 84 -24.95 -14.55 12.76
C GLY B 84 -24.04 -15.24 11.76
N SER B 85 -24.08 -14.82 10.50
CA SER B 85 -23.21 -15.36 9.43
C SER B 85 -23.57 -16.82 9.02
N PHE B 86 -22.63 -17.56 8.41
CA PHE B 86 -23.01 -18.67 7.51
C PHE B 86 -22.50 -20.02 8.04
N VAL B 87 -22.05 -20.10 9.29
CA VAL B 87 -21.66 -21.43 9.83
C VAL B 87 -22.43 -21.74 11.11
N LEU B 88 -22.59 -23.05 11.40
CA LEU B 88 -23.45 -23.50 12.51
C LEU B 88 -22.86 -23.03 13.84
N ASP B 89 -21.56 -23.26 14.05
CA ASP B 89 -20.85 -22.85 15.28
C ASP B 89 -20.66 -21.33 15.23
N ASP B 90 -21.35 -20.59 16.12
CA ASP B 90 -21.27 -19.11 16.17
C ASP B 90 -19.86 -18.60 16.55
N THR B 91 -18.98 -19.41 17.15
CA THR B 91 -17.65 -18.92 17.57
C THR B 91 -16.72 -18.67 16.37
N THR B 92 -16.97 -19.31 15.22
CA THR B 92 -16.05 -19.23 14.06
C THR B 92 -15.98 -17.77 13.55
N LEU B 93 -17.13 -17.06 13.55
CA LEU B 93 -17.20 -15.75 12.80
C LEU B 93 -17.77 -14.61 13.66
N ASN B 94 -18.18 -14.90 14.91
CA ASN B 94 -18.84 -13.92 15.74
C ASN B 94 -18.05 -13.71 17.05
N ALA B 95 -18.21 -12.51 17.61
CA ALA B 95 -17.64 -12.18 18.96
C ALA B 95 -18.60 -12.71 20.04
N VAL B 96 -18.70 -14.04 20.16
CA VAL B 96 -19.50 -14.65 21.22
C VAL B 96 -18.69 -15.83 21.76
N ASP B 97 -18.77 -16.05 23.07
CA ASP B 97 -18.26 -17.24 23.77
C ASP B 97 -16.78 -17.51 23.48
N GLY B 98 -16.00 -16.45 23.26
CA GLY B 98 -14.55 -16.52 23.01
C GLY B 98 -14.15 -16.20 21.57
N GLY B 99 -15.10 -16.20 20.63
CA GLY B 99 -14.79 -15.89 19.21
C GLY B 99 -14.56 -14.39 19.03
N ILE B 100 -14.08 -14.02 17.83
CA ILE B 100 -14.01 -12.62 17.38
C ILE B 100 -14.90 -12.43 16.13
N TYR B 101 -15.21 -11.16 15.85
CA TYR B 101 -16.06 -10.74 14.72
C TYR B 101 -15.27 -10.77 13.41
N LEU B 102 -15.77 -11.54 12.43
CA LEU B 102 -15.10 -11.76 11.16
C LEU B 102 -16.08 -11.59 10.00
N PRO B 103 -16.56 -10.36 9.74
CA PRO B 103 -17.51 -10.12 8.65
C PRO B 103 -16.87 -10.14 7.26
N ASN B 104 -17.61 -10.69 6.27
CA ASN B 104 -17.10 -10.82 4.90
C ASN B 104 -18.26 -11.04 3.94
N PHE B 105 -17.98 -11.04 2.63
CA PHE B 105 -19.04 -10.95 1.63
C PHE B 105 -19.82 -12.28 1.47
N LEU B 106 -19.27 -13.43 1.87
CA LEU B 106 -20.10 -14.66 1.95
C LEU B 106 -21.15 -14.49 3.06
N GLY B 107 -20.77 -13.76 4.12
CA GLY B 107 -21.67 -13.37 5.22
C GLY B 107 -22.28 -11.99 5.05
N MET B 108 -22.69 -11.64 3.83
CA MET B 108 -23.36 -10.37 3.51
C MET B 108 -24.52 -10.65 2.56
N ASP B 109 -25.67 -10.04 2.85
CA ASP B 109 -26.77 -10.10 1.92
C ASP B 109 -26.49 -9.09 0.78
N PRO B 110 -27.05 -9.28 -0.42
CA PRO B 110 -26.92 -8.28 -1.47
C PRO B 110 -27.71 -7.06 -1.04
N PRO B 111 -27.42 -5.88 -1.62
CA PRO B 111 -26.47 -5.71 -2.71
C PRO B 111 -24.99 -5.43 -2.31
N LYS B 112 -24.68 -5.29 -1.02
CA LYS B 112 -23.28 -5.06 -0.60
C LYS B 112 -22.40 -6.27 -0.96
N HIS B 113 -22.95 -7.48 -0.88
CA HIS B 113 -22.26 -8.70 -1.34
C HIS B 113 -21.70 -8.49 -2.74
N ASP B 114 -22.54 -7.93 -3.63
CA ASP B 114 -22.21 -7.90 -5.03
C ASP B 114 -21.02 -6.99 -5.25
N VAL B 115 -20.93 -5.90 -4.45
CA VAL B 115 -19.90 -4.90 -4.58
C VAL B 115 -18.54 -5.56 -4.24
N HIS B 116 -18.50 -6.27 -3.11
CA HIS B 116 -17.27 -6.88 -2.62
C HIS B 116 -16.85 -8.01 -3.58
N ARG B 117 -17.80 -8.83 -4.06
CA ARG B 117 -17.48 -9.94 -4.95
C ARG B 117 -16.88 -9.38 -6.26
N MET B 118 -17.41 -8.25 -6.73
CA MET B 118 -16.95 -7.68 -8.00
C MET B 118 -15.49 -7.21 -7.91
N VAL B 119 -15.06 -6.68 -6.75
CA VAL B 119 -13.65 -6.24 -6.52
C VAL B 119 -12.65 -7.41 -6.64
N VAL B 120 -13.01 -8.62 -6.21
CA VAL B 120 -12.02 -9.74 -6.16
C VAL B 120 -12.19 -10.69 -7.38
N SER B 121 -13.34 -10.64 -8.07
CA SER B 121 -13.72 -11.42 -9.31
C SER B 121 -12.59 -11.52 -10.33
N PRO B 122 -11.93 -10.39 -10.69
CA PRO B 122 -10.91 -10.41 -11.74
C PRO B 122 -9.80 -11.46 -11.51
N ILE B 123 -9.62 -11.92 -10.26
CA ILE B 123 -8.64 -12.96 -9.98
C ILE B 123 -8.96 -14.26 -10.75
N VAL B 124 -10.22 -14.50 -11.11
CA VAL B 124 -10.55 -15.78 -11.78
C VAL B 124 -11.08 -15.52 -13.21
N ALA B 125 -10.74 -14.35 -13.78
CA ALA B 125 -11.11 -14.00 -15.11
C ALA B 125 -10.40 -14.96 -16.06
N PRO B 126 -10.92 -15.16 -17.28
CA PRO B 126 -10.34 -16.15 -18.20
C PRO B 126 -8.88 -15.85 -18.59
N GLN B 127 -8.53 -14.57 -18.67
CA GLN B 127 -7.14 -14.17 -18.95
C GLN B 127 -6.22 -14.66 -17.83
N ASN B 128 -6.71 -14.61 -16.58
CA ASN B 128 -5.90 -15.01 -15.39
C ASN B 128 -5.83 -16.52 -15.25
N LEU B 129 -6.94 -17.23 -15.48
CA LEU B 129 -6.92 -18.70 -15.41
C LEU B 129 -5.93 -19.24 -16.45
N LEU B 130 -5.89 -18.65 -17.65
CA LEU B 130 -4.91 -19.12 -18.65
C LEU B 130 -3.47 -18.95 -18.13
N ARG B 131 -3.18 -17.80 -17.54
CA ARG B 131 -1.83 -17.54 -17.02
C ARG B 131 -1.44 -18.58 -15.95
N PHE B 132 -2.37 -18.86 -15.03
CA PHE B 132 -2.13 -19.75 -13.92
C PHE B 132 -1.81 -21.17 -14.34
N GLU B 133 -2.29 -21.55 -15.54
CA GLU B 133 -2.19 -22.91 -16.01
C GLU B 133 -0.71 -23.36 -16.06
N ALA B 134 0.15 -22.55 -16.69
CA ALA B 134 1.59 -22.92 -16.81
C ALA B 134 2.26 -23.02 -15.43
N THR B 135 1.85 -22.17 -14.48
CA THR B 135 2.42 -22.22 -13.12
C THR B 135 1.98 -23.50 -12.40
N ILE B 136 0.68 -23.80 -12.44
CA ILE B 136 0.11 -24.96 -11.79
C ILE B 136 0.77 -26.24 -12.35
N ARG B 137 0.92 -26.32 -13.69
CA ARG B 137 1.52 -27.49 -14.36
C ARG B 137 2.96 -27.69 -13.84
N GLU B 138 3.74 -26.63 -13.81
CA GLU B 138 5.16 -26.70 -13.40
C GLU B 138 5.25 -27.24 -11.95
N ARG B 139 4.40 -26.72 -11.06
CA ARG B 139 4.47 -27.05 -9.63
C ARG B 139 3.99 -28.49 -9.40
N THR B 140 2.94 -28.91 -10.14
CA THR B 140 2.36 -30.24 -10.00
C THR B 140 3.39 -31.27 -10.46
N LYS B 141 4.08 -30.98 -11.58
CA LYS B 141 5.13 -31.86 -12.10
C LYS B 141 6.27 -31.99 -11.09
N ARG B 142 6.75 -30.85 -10.59
CA ARG B 142 7.87 -30.76 -9.64
C ARG B 142 7.55 -31.58 -8.38
N VAL B 143 6.40 -31.30 -7.74
CA VAL B 143 6.00 -32.00 -6.52
C VAL B 143 5.89 -33.52 -6.75
N LEU B 144 5.12 -33.96 -7.76
CA LEU B 144 4.90 -35.40 -7.94
C LEU B 144 6.21 -36.11 -8.38
N SER B 145 7.06 -35.45 -9.17
CA SER B 145 8.39 -36.04 -9.54
C SER B 145 9.25 -36.37 -8.30
N GLU B 146 9.07 -35.65 -7.19
CA GLU B 146 9.90 -35.89 -6.00
C GLU B 146 9.28 -36.91 -5.05
N LEU B 147 8.05 -37.40 -5.31
CA LEU B 147 7.45 -38.39 -4.40
C LEU B 147 8.20 -39.72 -4.57
N PRO B 148 8.49 -40.46 -3.48
CA PRO B 148 9.10 -41.80 -3.58
C PRO B 148 8.11 -42.86 -4.11
N ILE B 149 8.66 -43.84 -4.84
CA ILE B 149 7.89 -44.98 -5.32
C ILE B 149 8.10 -46.12 -4.33
N GLY B 150 7.00 -46.74 -3.90
CA GLY B 150 7.08 -47.93 -3.05
C GLY B 150 7.49 -47.60 -1.61
N GLU B 151 7.28 -46.36 -1.15
CA GLU B 151 7.55 -45.97 0.25
C GLU B 151 6.35 -45.16 0.78
N GLU B 152 5.92 -45.48 2.00
CA GLU B 152 4.79 -44.81 2.66
C GLU B 152 5.11 -43.32 2.91
N PHE B 153 4.16 -42.44 2.61
CA PHE B 153 4.21 -41.02 3.00
C PHE B 153 2.78 -40.52 3.21
N ASN B 154 2.67 -39.33 3.81
CA ASN B 154 1.37 -38.71 4.06
C ASN B 154 1.02 -37.83 2.85
N TRP B 155 0.01 -38.27 2.08
CA TRP B 155 -0.38 -37.58 0.86
C TRP B 155 -0.89 -36.17 1.18
N VAL B 156 -1.58 -36.02 2.32
CA VAL B 156 -2.11 -34.71 2.75
C VAL B 156 -0.98 -33.67 2.84
N ASP B 157 0.12 -34.02 3.48
CA ASP B 157 1.26 -33.11 3.68
C ASP B 157 2.04 -32.91 2.38
N ARG B 158 2.33 -34.01 1.68
CA ARG B 158 3.27 -34.01 0.53
C ARG B 158 2.60 -33.47 -0.77
N VAL B 159 1.29 -33.68 -0.94
CA VAL B 159 0.57 -33.27 -2.16
C VAL B 159 -0.47 -32.19 -1.84
N SER B 160 -1.49 -32.53 -1.03
CA SER B 160 -2.65 -31.60 -0.90
C SER B 160 -2.26 -30.22 -0.35
N ILE B 161 -1.56 -30.18 0.81
CA ILE B 161 -1.19 -28.90 1.44
C ILE B 161 -0.12 -28.20 0.58
N GLU B 162 0.88 -28.95 0.14
CA GLU B 162 2.03 -28.38 -0.63
C GLU B 162 1.52 -27.58 -1.85
N LEU B 163 0.69 -28.22 -2.68
CA LEU B 163 0.15 -27.57 -3.89
C LEU B 163 -0.84 -26.45 -3.55
N THR B 164 -1.79 -26.71 -2.63
CA THR B 164 -2.84 -25.75 -2.31
C THR B 164 -2.26 -24.45 -1.70
N THR B 165 -1.30 -24.60 -0.77
CA THR B 165 -0.64 -23.46 -0.16
C THR B 165 0.18 -22.62 -1.15
N MET B 166 0.89 -23.25 -2.09
CA MET B 166 1.55 -22.46 -3.15
C MET B 166 0.53 -21.64 -3.95
N MET B 167 -0.61 -22.25 -4.34
CA MET B 167 -1.59 -21.57 -5.12
C MET B 167 -2.13 -20.36 -4.33
N LEU B 168 -2.58 -20.59 -3.09
CA LEU B 168 -3.05 -19.45 -2.25
C LEU B 168 -1.99 -18.33 -2.13
N ALA B 169 -0.71 -18.69 -1.91
CA ALA B 169 0.35 -17.69 -1.80
C ALA B 169 0.46 -16.86 -3.09
N THR B 170 0.23 -17.46 -4.27
CA THR B 170 0.17 -16.74 -5.52
C THR B 170 -1.01 -15.76 -5.56
N LEU B 171 -2.21 -16.16 -5.09
CA LEU B 171 -3.40 -15.31 -5.21
C LEU B 171 -3.27 -14.05 -4.35
N LEU B 172 -2.57 -14.17 -3.21
CA LEU B 172 -2.42 -13.09 -2.22
C LEU B 172 -1.10 -12.33 -2.41
N ASP B 173 -0.24 -12.79 -3.33
CA ASP B 173 1.21 -12.42 -3.32
C ASP B 173 1.78 -12.41 -1.89
N PHE B 174 1.74 -13.58 -1.24
CA PHE B 174 2.23 -13.79 0.12
C PHE B 174 3.61 -14.42 0.04
N PRO B 175 4.58 -13.96 0.86
CA PRO B 175 5.96 -14.48 0.76
C PRO B 175 6.05 -16.00 0.81
N PHE B 176 6.68 -16.55 -0.22
CA PHE B 176 6.67 -17.95 -0.53
C PHE B 176 7.28 -18.71 0.65
N ASP B 177 8.32 -18.13 1.26
CA ASP B 177 9.08 -18.81 2.32
C ASP B 177 8.27 -18.92 3.62
N ASP B 178 7.23 -18.08 3.78
CA ASP B 178 6.41 -18.04 4.99
C ASP B 178 5.03 -18.70 4.75
N ARG B 179 4.87 -19.45 3.64
CA ARG B 179 3.56 -19.88 3.16
C ARG B 179 2.91 -20.87 4.15
N ARG B 180 3.70 -21.55 5.00
CA ARG B 180 3.15 -22.49 5.99
C ARG B 180 2.25 -21.74 7.00
N LYS B 181 2.47 -20.43 7.19
CA LYS B 181 1.63 -19.62 8.12
C LYS B 181 0.17 -19.52 7.63
N LEU B 182 -0.04 -19.54 6.30
CA LEU B 182 -1.41 -19.58 5.68
C LEU B 182 -2.17 -20.83 6.14
N THR B 183 -1.49 -21.98 6.15
CA THR B 183 -2.06 -23.24 6.58
C THR B 183 -2.45 -23.16 8.07
N ARG B 184 -1.56 -22.62 8.91
CA ARG B 184 -1.80 -22.48 10.34
C ARG B 184 -2.98 -21.54 10.63
N TRP B 185 -3.03 -20.37 9.98
CA TRP B 185 -4.11 -19.43 10.20
C TRP B 185 -5.44 -20.03 9.75
N SER B 186 -5.44 -20.70 8.58
CA SER B 186 -6.62 -21.40 8.08
C SER B 186 -7.14 -22.35 9.16
N ASP B 187 -6.28 -23.25 9.63
CA ASP B 187 -6.61 -24.24 10.65
C ASP B 187 -7.24 -23.63 11.91
N ILE B 188 -6.70 -22.51 12.45
CA ILE B 188 -7.19 -22.00 13.72
C ILE B 188 -8.50 -21.24 13.55
N ILE B 189 -8.78 -20.74 12.34
CA ILE B 189 -10.08 -20.00 12.13
C ILE B 189 -11.26 -20.93 12.43
N THR B 190 -11.15 -22.21 12.05
CA THR B 190 -12.29 -23.12 12.15
C THR B 190 -12.18 -24.04 13.36
N THR B 191 -11.28 -23.73 14.31
CA THR B 191 -11.07 -24.61 15.47
C THR B 191 -11.68 -24.05 16.78
N ARG B 192 -11.68 -24.91 17.79
CA ARG B 192 -12.00 -24.55 19.18
C ARG B 192 -10.86 -25.03 20.09
N PRO B 193 -10.74 -24.44 21.30
CA PRO B 193 -9.80 -24.92 22.30
C PRO B 193 -10.00 -26.42 22.60
N GLY B 194 -8.89 -27.18 22.64
CA GLY B 194 -8.89 -28.61 22.91
C GLY B 194 -8.95 -29.49 21.68
N TYR B 195 -9.09 -28.92 20.48
CA TYR B 195 -9.21 -29.74 19.27
C TYR B 195 -7.81 -30.05 18.70
N GLY B 196 -6.76 -29.62 19.38
CA GLY B 196 -5.40 -30.05 19.06
C GLY B 196 -4.57 -28.96 18.39
N LEU B 197 -5.14 -27.76 18.19
CA LEU B 197 -4.44 -26.65 17.51
C LEU B 197 -4.17 -25.48 18.48
N VAL B 198 -5.16 -25.10 19.30
CA VAL B 198 -5.04 -24.04 20.32
C VAL B 198 -5.53 -24.53 21.68
N ASP B 199 -4.98 -23.91 22.74
CA ASP B 199 -5.29 -24.28 24.13
C ASP B 199 -6.26 -23.30 24.77
N SER B 200 -6.48 -22.12 24.17
CA SER B 200 -7.39 -21.15 24.74
C SER B 200 -7.98 -20.25 23.62
N TRP B 201 -9.10 -19.57 23.93
CA TRP B 201 -9.71 -18.59 22.99
C TRP B 201 -8.75 -17.41 22.74
N GLU B 202 -8.07 -16.96 23.81
CA GLU B 202 -7.02 -15.92 23.72
C GLU B 202 -5.95 -16.28 22.69
N GLN B 203 -5.43 -17.53 22.74
CA GLN B 203 -4.36 -17.96 21.82
C GLN B 203 -4.83 -17.84 20.35
N ARG B 204 -6.09 -18.24 20.09
CA ARG B 204 -6.70 -18.11 18.74
C ARG B 204 -6.74 -16.63 18.31
N GLU B 205 -7.18 -15.77 19.22
CA GLU B 205 -7.31 -14.34 18.98
C GLU B 205 -5.93 -13.72 18.69
N SER B 206 -4.92 -14.07 19.52
CA SER B 206 -3.54 -13.57 19.36
C SER B 206 -2.94 -13.99 18.01
N GLU B 207 -3.13 -15.25 17.59
CA GLU B 207 -2.54 -15.71 16.31
C GLU B 207 -3.21 -14.98 15.13
N LEU B 208 -4.51 -14.71 15.23
CA LEU B 208 -5.28 -13.96 14.22
C LEU B 208 -4.93 -12.46 14.22
N MET B 209 -4.59 -11.85 15.37
CA MET B 209 -4.02 -10.46 15.40
C MET B 209 -2.61 -10.42 14.76
N GLU B 210 -1.82 -11.50 14.88
CA GLU B 210 -0.59 -11.61 14.10
C GLU B 210 -0.89 -11.65 12.59
N CYS B 211 -1.92 -12.42 12.18
CA CYS B 211 -2.36 -12.51 10.79
C CYS B 211 -2.74 -11.10 10.30
N LEU B 212 -3.57 -10.37 11.07
CA LEU B 212 -4.00 -9.00 10.71
C LEU B 212 -2.77 -8.10 10.48
N ALA B 213 -1.84 -8.10 11.44
CA ALA B 213 -0.66 -7.19 11.38
C ALA B 213 0.22 -7.50 10.15
N TYR B 214 0.42 -8.79 9.85
CA TYR B 214 1.19 -9.24 8.68
C TYR B 214 0.55 -8.72 7.38
N PHE B 215 -0.76 -8.92 7.21
CA PHE B 215 -1.48 -8.45 6.01
C PHE B 215 -1.58 -6.90 5.97
N GLN B 216 -1.64 -6.23 7.13
CA GLN B 216 -1.62 -4.74 7.12
C GLN B 216 -0.30 -4.21 6.53
N ARG B 217 0.81 -4.86 6.88
CA ARG B 217 2.15 -4.54 6.30
C ARG B 217 2.12 -4.69 4.77
N LEU B 218 1.60 -5.84 4.31
CA LEU B 218 1.48 -6.12 2.87
C LEU B 218 0.55 -5.09 2.21
N TYR B 219 -0.56 -4.76 2.87
CA TYR B 219 -1.55 -3.82 2.33
C TYR B 219 -0.89 -2.46 2.06
N ALA B 220 -0.08 -1.99 3.03
CA ALA B 220 0.59 -0.65 2.92
C ALA B 220 1.62 -0.68 1.78
N GLU B 221 2.39 -1.77 1.67
CA GLU B 221 3.29 -2.00 0.52
C GLU B 221 2.51 -1.95 -0.80
N ARG B 222 1.33 -2.61 -0.90
CA ARG B 222 0.54 -2.66 -2.17
C ARG B 222 -0.03 -1.28 -2.51
N GLN B 223 -0.44 -0.51 -1.49
CA GLN B 223 -0.96 0.86 -1.71
C GLN B 223 0.11 1.79 -2.27
N ALA B 224 1.39 1.47 -2.04
CA ALA B 224 2.52 2.36 -2.35
C ALA B 224 3.22 1.93 -3.65
N MET B 225 2.47 1.31 -4.57
CA MET B 225 2.91 0.95 -5.93
C MET B 225 1.67 0.86 -6.81
N PRO B 226 1.83 0.84 -8.16
CA PRO B 226 0.70 0.61 -9.07
C PRO B 226 -0.09 -0.68 -8.83
N PRO B 227 -1.37 -0.74 -9.27
CA PRO B 227 -2.17 -1.95 -9.13
C PRO B 227 -1.53 -3.12 -9.91
N LYS B 228 -1.77 -4.35 -9.41
CA LYS B 228 -1.33 -5.62 -10.00
C LYS B 228 -2.36 -6.70 -9.65
N PRO B 229 -2.37 -7.86 -10.36
CA PRO B 229 -3.38 -8.91 -10.13
C PRO B 229 -3.05 -9.80 -8.93
N ASP B 230 -3.12 -9.24 -7.72
CA ASP B 230 -3.19 -10.05 -6.50
C ASP B 230 -4.33 -9.49 -5.65
N LEU B 231 -4.91 -10.32 -4.77
CA LEU B 231 -6.15 -10.00 -4.05
C LEU B 231 -5.94 -8.79 -3.13
N ILE B 232 -4.75 -8.69 -2.52
CA ILE B 232 -4.46 -7.63 -1.56
C ILE B 232 -4.32 -6.31 -2.35
N SER B 233 -3.64 -6.35 -3.50
CA SER B 233 -3.58 -5.15 -4.41
C SER B 233 -4.99 -4.70 -4.84
N MET B 234 -5.87 -5.63 -5.24
CA MET B 234 -7.21 -5.27 -5.71
C MET B 234 -7.99 -4.58 -4.58
N LEU B 235 -7.89 -5.11 -3.35
CA LEU B 235 -8.54 -4.44 -2.21
C LEU B 235 -7.97 -3.01 -2.01
N ALA B 236 -6.64 -2.88 -2.07
CA ALA B 236 -5.93 -1.63 -1.77
C ALA B 236 -6.33 -0.51 -2.74
N HIS B 237 -6.53 -0.85 -4.02
CA HIS B 237 -6.76 0.15 -5.10
C HIS B 237 -8.23 0.35 -5.45
N SER B 238 -9.13 -0.41 -4.83
CA SER B 238 -10.55 -0.28 -5.12
C SER B 238 -11.13 0.92 -4.39
N PRO B 239 -11.73 1.91 -5.10
CA PRO B 239 -12.43 3.02 -4.45
C PRO B 239 -13.56 2.60 -3.51
N GLU B 240 -14.23 1.47 -3.77
CA GLU B 240 -15.37 1.09 -2.90
C GLU B 240 -14.89 0.43 -1.59
N MET B 241 -13.58 0.17 -1.45
CA MET B 241 -13.00 -0.50 -0.30
C MET B 241 -12.22 0.50 0.54
N GLN B 242 -12.29 1.79 0.22
CA GLN B 242 -11.27 2.70 0.72
C GLN B 242 -11.49 3.00 2.22
N ASP B 243 -12.67 2.68 2.78
CA ASP B 243 -12.92 2.88 4.23
C ASP B 243 -12.99 1.55 5.00
N LEU B 244 -12.35 0.49 4.50
CA LEU B 244 -12.39 -0.81 5.19
C LEU B 244 -11.80 -0.65 6.61
N THR B 245 -12.51 -1.10 7.65
CA THR B 245 -12.00 -1.13 9.03
C THR B 245 -11.03 -2.30 9.17
N PRO B 246 -10.11 -2.28 10.15
CA PRO B 246 -9.31 -3.47 10.48
C PRO B 246 -10.16 -4.73 10.68
N THR B 247 -11.33 -4.61 11.32
CA THR B 247 -12.23 -5.75 11.53
C THR B 247 -12.72 -6.28 10.18
N ASP B 248 -13.17 -5.37 9.31
CA ASP B 248 -13.67 -5.74 8.00
C ASP B 248 -12.55 -6.38 7.18
N PHE B 249 -11.33 -5.86 7.32
CA PHE B 249 -10.17 -6.41 6.57
C PHE B 249 -9.88 -7.85 7.02
N LEU B 250 -9.84 -8.07 8.34
CA LEU B 250 -9.53 -9.39 8.88
C LEU B 250 -10.66 -10.39 8.54
N GLY B 251 -11.94 -9.98 8.58
CA GLY B 251 -13.02 -10.88 8.15
C GLY B 251 -12.89 -11.31 6.68
N THR B 252 -12.48 -10.38 5.80
CA THR B 252 -12.27 -10.64 4.39
C THR B 252 -11.10 -11.61 4.22
N LEU B 253 -10.01 -11.40 4.96
CA LEU B 253 -8.87 -12.31 4.91
C LEU B 253 -9.26 -13.74 5.32
N ALA B 254 -10.10 -13.86 6.37
CA ALA B 254 -10.57 -15.17 6.86
C ALA B 254 -11.26 -15.96 5.71
N LEU B 255 -12.15 -15.30 4.97
CA LEU B 255 -12.83 -15.90 3.86
C LEU B 255 -11.82 -16.38 2.79
N LEU B 256 -10.91 -15.50 2.40
CA LEU B 256 -9.97 -15.82 1.31
C LEU B 256 -9.01 -16.94 1.71
N ILE B 257 -8.53 -16.92 2.96
CA ILE B 257 -7.52 -17.81 3.48
C ILE B 257 -8.14 -19.20 3.69
N VAL B 258 -9.34 -19.29 4.24
CA VAL B 258 -9.93 -20.64 4.39
C VAL B 258 -10.44 -21.11 3.02
N GLY B 259 -11.12 -20.21 2.31
CA GLY B 259 -11.88 -20.54 1.14
C GLY B 259 -10.98 -20.97 0.00
N GLY B 260 -9.79 -20.35 -0.09
CA GLY B 260 -8.84 -20.62 -1.17
C GLY B 260 -7.87 -21.75 -0.86
N ASN B 261 -8.10 -22.48 0.23
CA ASN B 261 -7.12 -23.41 0.86
C ASN B 261 -7.81 -24.76 1.15
N ASP B 262 -8.60 -24.79 2.22
CA ASP B 262 -9.07 -26.05 2.84
C ASP B 262 -9.88 -26.91 1.86
N THR B 263 -10.62 -26.21 0.98
CA THR B 263 -11.57 -26.80 0.09
C THR B 263 -10.84 -27.59 -1.01
N THR B 264 -9.94 -26.91 -1.74
CA THR B 264 -9.19 -27.62 -2.82
C THR B 264 -8.28 -28.70 -2.19
N ARG B 265 -7.72 -28.42 -1.01
CA ARG B 265 -6.91 -29.39 -0.32
C ARG B 265 -7.72 -30.67 -0.10
N SER B 266 -8.95 -30.53 0.40
CA SER B 266 -9.79 -31.68 0.68
C SER B 266 -10.03 -32.48 -0.60
N SER B 267 -10.23 -31.77 -1.72
CA SER B 267 -10.49 -32.48 -2.99
C SER B 267 -9.26 -33.21 -3.52
N MET B 268 -8.04 -32.65 -3.30
CA MET B 268 -6.80 -33.38 -3.66
C MET B 268 -6.59 -34.62 -2.78
N SER B 269 -7.00 -34.56 -1.51
CA SER B 269 -6.90 -35.74 -0.60
C SER B 269 -7.94 -36.81 -1.02
N GLY B 270 -9.16 -36.35 -1.31
CA GLY B 270 -10.24 -37.18 -1.84
C GLY B 270 -9.85 -37.93 -3.12
N SER B 271 -9.01 -37.30 -3.94
CA SER B 271 -8.54 -37.90 -5.22
C SER B 271 -7.73 -39.19 -4.97
N ALA B 272 -6.84 -39.17 -3.97
CA ALA B 272 -6.10 -40.36 -3.56
C ALA B 272 -7.07 -41.43 -3.01
N MET B 273 -8.04 -41.04 -2.18
CA MET B 273 -8.96 -42.01 -1.62
C MET B 273 -9.77 -42.68 -2.74
N ALA B 274 -10.16 -41.88 -3.77
CA ALA B 274 -11.00 -42.37 -4.84
C ALA B 274 -10.19 -43.42 -5.62
N CYS B 275 -8.91 -43.14 -5.83
CA CYS B 275 -8.09 -44.06 -6.67
C CYS B 275 -7.84 -45.41 -5.95
N HIS B 276 -7.81 -45.39 -4.61
CA HIS B 276 -7.63 -46.62 -3.79
C HIS B 276 -8.94 -47.42 -3.77
N LEU B 277 -10.04 -46.72 -3.52
CA LEU B 277 -11.33 -47.37 -3.25
C LEU B 277 -11.99 -47.79 -4.57
N TYR B 278 -11.64 -47.11 -5.69
CA TYR B 278 -12.24 -47.34 -7.02
C TYR B 278 -11.13 -47.42 -8.05
N PRO B 279 -10.19 -48.40 -7.91
CA PRO B 279 -9.05 -48.46 -8.81
C PRO B 279 -9.45 -48.63 -10.29
N GLN B 280 -10.60 -49.30 -10.53
CA GLN B 280 -11.11 -49.51 -11.87
C GLN B 280 -11.49 -48.18 -12.52
N GLU B 281 -11.86 -47.18 -11.71
CA GLU B 281 -12.27 -45.85 -12.24
C GLU B 281 -11.03 -45.04 -12.62
N PHE B 282 -9.97 -45.13 -11.81
CA PHE B 282 -8.69 -44.56 -12.17
C PHE B 282 -8.21 -45.22 -13.47
N ASP B 283 -8.26 -46.55 -13.55
CA ASP B 283 -7.83 -47.26 -14.80
C ASP B 283 -8.60 -46.71 -16.03
N LYS B 284 -9.92 -46.48 -15.97
CA LYS B 284 -10.71 -45.94 -17.11
C LYS B 284 -10.19 -44.58 -17.57
N VAL B 285 -9.89 -43.65 -16.64
CA VAL B 285 -9.43 -42.31 -17.06
C VAL B 285 -7.98 -42.36 -17.57
N ARG B 286 -7.12 -43.23 -17.00
CA ARG B 286 -5.78 -43.38 -17.56
C ARG B 286 -5.86 -43.81 -19.04
N ASN B 287 -6.84 -44.66 -19.35
CA ASN B 287 -7.02 -45.20 -20.72
C ASN B 287 -7.70 -44.17 -21.63
N ASN B 288 -8.51 -43.26 -21.08
CA ASN B 288 -9.18 -42.29 -21.93
C ASN B 288 -9.28 -40.93 -21.22
N ARG B 289 -8.34 -40.02 -21.57
CA ARG B 289 -8.16 -38.72 -20.89
C ARG B 289 -9.32 -37.77 -21.17
N ALA B 290 -10.20 -38.07 -22.14
CA ALA B 290 -11.36 -37.22 -22.39
C ALA B 290 -12.32 -37.28 -21.19
N LEU B 291 -12.24 -38.37 -20.41
CA LEU B 291 -13.10 -38.56 -19.20
C LEU B 291 -12.72 -37.57 -18.08
N LEU B 292 -11.64 -36.77 -18.21
CA LEU B 292 -11.32 -35.74 -17.19
C LEU B 292 -12.49 -34.75 -17.05
N ALA B 293 -13.26 -34.55 -18.15
CA ALA B 293 -14.47 -33.67 -18.14
C ALA B 293 -15.51 -34.09 -17.08
N SER B 294 -15.68 -35.40 -16.85
CA SER B 294 -16.64 -35.92 -15.85
C SER B 294 -15.96 -36.30 -14.52
N VAL B 295 -14.69 -36.76 -14.54
CA VAL B 295 -13.92 -37.19 -13.32
C VAL B 295 -13.79 -36.01 -12.34
N ILE B 296 -13.38 -34.84 -12.83
CA ILE B 296 -13.07 -33.72 -11.94
C ILE B 296 -14.31 -33.26 -11.17
N PRO B 297 -15.44 -32.90 -11.82
CA PRO B 297 -16.68 -32.61 -11.07
C PRO B 297 -17.14 -33.76 -10.13
N GLU B 298 -16.94 -35.02 -10.52
CA GLU B 298 -17.31 -36.19 -9.68
C GLU B 298 -16.44 -36.24 -8.41
N VAL B 299 -15.14 -35.97 -8.51
CA VAL B 299 -14.28 -35.84 -7.30
C VAL B 299 -14.90 -34.86 -6.28
N VAL B 300 -15.32 -33.70 -6.78
CA VAL B 300 -15.81 -32.62 -5.93
C VAL B 300 -17.16 -33.04 -5.33
N ARG B 301 -18.00 -33.71 -6.11
CA ARG B 301 -19.29 -34.22 -5.53
C ARG B 301 -19.02 -35.31 -4.47
N TRP B 302 -18.22 -36.33 -4.84
CA TRP B 302 -18.01 -37.49 -4.00
C TRP B 302 -17.32 -37.11 -2.69
N GLN B 303 -16.33 -36.22 -2.75
CA GLN B 303 -15.68 -35.75 -1.49
C GLN B 303 -16.59 -34.81 -0.68
N THR B 304 -17.24 -33.85 -1.35
CA THR B 304 -18.03 -32.78 -0.69
C THR B 304 -17.16 -32.09 0.36
N PRO B 305 -16.18 -31.24 -0.07
CA PRO B 305 -15.25 -30.61 0.87
C PRO B 305 -15.86 -29.75 2.00
N ILE B 306 -17.00 -29.10 1.72
CA ILE B 306 -17.74 -28.30 2.71
C ILE B 306 -19.05 -29.04 3.02
N ALA B 307 -19.16 -29.51 4.26
CA ALA B 307 -20.27 -30.35 4.65
C ALA B 307 -21.60 -29.58 4.75
N HIS B 308 -21.60 -28.31 5.20
CA HIS B 308 -22.85 -27.55 5.41
C HIS B 308 -22.58 -26.09 5.10
N MET B 309 -23.67 -25.32 4.92
CA MET B 309 -23.71 -23.86 5.06
C MET B 309 -24.97 -23.52 5.84
N ARG B 310 -24.84 -22.56 6.75
CA ARG B 310 -25.88 -22.20 7.72
C ARG B 310 -26.50 -20.87 7.26
N ARG B 311 -27.77 -20.72 7.57
CA ARG B 311 -28.57 -19.51 7.37
C ARG B 311 -29.36 -19.20 8.66
N THR B 312 -29.94 -18.00 8.73
CA THR B 312 -30.79 -17.60 9.87
C THR B 312 -32.12 -17.08 9.32
N ALA B 313 -33.27 -17.60 9.81
CA ALA B 313 -34.59 -17.13 9.32
C ALA B 313 -34.86 -15.70 9.81
N LEU B 314 -35.13 -14.77 8.88
CA LEU B 314 -35.40 -13.36 9.26
C LEU B 314 -36.85 -13.13 9.68
N GLU B 315 -37.75 -14.06 9.36
CA GLU B 315 -39.15 -14.00 9.72
C GLU B 315 -39.63 -15.41 10.02
N ASP B 316 -40.81 -15.54 10.65
CA ASP B 316 -41.50 -16.83 10.70
C ASP B 316 -41.84 -17.28 9.27
N VAL B 317 -41.57 -18.54 8.95
CA VAL B 317 -41.88 -19.10 7.61
C VAL B 317 -42.37 -20.55 7.78
N GLU B 318 -43.21 -21.00 6.84
CA GLU B 318 -43.59 -22.39 6.73
C GLU B 318 -42.84 -22.98 5.53
N PHE B 319 -42.13 -24.09 5.79
CA PHE B 319 -41.33 -24.78 4.74
C PHE B 319 -41.60 -26.28 4.87
N ARG B 320 -42.10 -26.89 3.80
CA ARG B 320 -42.45 -28.36 3.71
C ARG B 320 -43.29 -28.76 4.93
N GLY B 321 -44.16 -27.86 5.36
CA GLY B 321 -45.14 -28.18 6.39
C GLY B 321 -44.65 -27.91 7.80
N LYS B 322 -43.39 -27.45 7.94
CA LYS B 322 -42.80 -27.19 9.25
C LYS B 322 -42.79 -25.69 9.49
N GLN B 323 -42.98 -25.31 10.74
CA GLN B 323 -43.01 -23.90 11.18
C GLN B 323 -41.64 -23.45 11.74
N ILE B 324 -40.82 -22.85 10.87
CA ILE B 324 -39.53 -22.27 11.22
C ILE B 324 -39.81 -20.89 11.81
N ARG B 325 -39.22 -20.60 12.96
CA ARG B 325 -39.45 -19.32 13.65
C ARG B 325 -38.35 -18.31 13.32
N LYS B 326 -38.72 -17.02 13.34
CA LYS B 326 -37.77 -15.94 13.25
C LYS B 326 -36.60 -16.15 14.21
N GLY B 327 -35.36 -16.01 13.72
CA GLY B 327 -34.15 -16.23 14.49
C GLY B 327 -33.61 -17.66 14.47
N ASP B 328 -34.35 -18.64 13.95
CA ASP B 328 -33.92 -20.06 13.94
C ASP B 328 -32.73 -20.23 12.97
N LYS B 329 -31.79 -21.06 13.39
CA LYS B 329 -30.73 -21.58 12.53
C LYS B 329 -31.31 -22.62 11.55
N VAL B 330 -30.92 -22.50 10.28
CA VAL B 330 -31.31 -23.42 9.19
C VAL B 330 -30.03 -23.88 8.47
N VAL B 331 -29.76 -25.19 8.52
CA VAL B 331 -28.50 -25.77 8.00
C VAL B 331 -28.77 -26.59 6.73
N MET B 332 -28.16 -26.19 5.61
CA MET B 332 -28.11 -26.96 4.37
C MET B 332 -26.97 -27.98 4.47
N TRP B 333 -27.30 -29.28 4.61
CA TRP B 333 -26.26 -30.36 4.58
C TRP B 333 -25.94 -30.79 3.15
N TYR B 334 -24.98 -30.11 2.49
CA TYR B 334 -24.49 -30.54 1.19
C TYR B 334 -23.98 -32.00 1.24
N LEU B 335 -23.44 -32.44 2.39
CA LEU B 335 -22.91 -33.83 2.53
C LEU B 335 -24.04 -34.86 2.34
N SER B 336 -25.26 -34.51 2.78
CA SER B 336 -26.49 -35.26 2.53
C SER B 336 -27.01 -35.07 1.09
N GLY B 337 -27.13 -33.82 0.63
CA GLY B 337 -27.75 -33.52 -0.65
C GLY B 337 -27.10 -34.27 -1.80
N ASN B 338 -25.77 -34.35 -1.78
CA ASN B 338 -24.98 -34.97 -2.83
C ASN B 338 -25.09 -36.51 -2.78
N ARG B 339 -25.75 -37.06 -1.73
CA ARG B 339 -26.04 -38.49 -1.65
C ARG B 339 -27.55 -38.81 -1.79
N ASP B 340 -28.35 -37.88 -2.31
CA ASP B 340 -29.85 -38.03 -2.46
C ASP B 340 -30.15 -38.74 -3.76
N ASP B 341 -30.50 -40.03 -3.65
CA ASP B 341 -30.74 -40.87 -4.87
C ASP B 341 -32.05 -40.54 -5.61
N GLU B 342 -32.88 -39.61 -5.11
CA GLU B 342 -33.96 -39.05 -5.92
C GLU B 342 -33.39 -38.22 -7.10
N VAL B 343 -32.14 -37.74 -7.00
CA VAL B 343 -31.51 -36.83 -8.02
C VAL B 343 -30.28 -37.50 -8.62
N ILE B 344 -29.49 -38.22 -7.80
CA ILE B 344 -28.20 -38.80 -8.25
C ILE B 344 -28.26 -40.31 -8.08
N ASP B 345 -28.16 -41.07 -9.18
CA ASP B 345 -28.19 -42.55 -9.11
C ASP B 345 -26.90 -43.05 -8.49
N ARG B 346 -27.02 -44.08 -7.63
CA ARG B 346 -25.85 -44.77 -7.03
C ARG B 346 -24.85 -43.76 -6.47
N PRO B 347 -25.32 -42.82 -5.62
CA PRO B 347 -24.52 -41.66 -5.21
C PRO B 347 -23.41 -41.97 -4.20
N MET B 348 -23.43 -43.16 -3.56
CA MET B 348 -22.34 -43.56 -2.64
C MET B 348 -21.03 -43.89 -3.41
N ASP B 349 -21.13 -44.28 -4.69
CA ASP B 349 -19.99 -44.71 -5.49
C ASP B 349 -19.39 -43.55 -6.27
N PHE B 350 -18.07 -43.64 -6.47
CA PHE B 350 -17.29 -42.76 -7.34
C PHE B 350 -17.34 -43.32 -8.77
N ILE B 351 -17.90 -42.56 -9.70
CA ILE B 351 -18.17 -43.01 -11.08
C ILE B 351 -17.52 -42.01 -12.04
N ALA B 352 -16.43 -42.43 -12.71
CA ALA B 352 -15.57 -41.52 -13.52
C ALA B 352 -16.30 -40.97 -14.75
N ASP B 353 -17.35 -41.67 -15.21
CA ASP B 353 -18.07 -41.37 -16.46
C ASP B 353 -19.56 -41.11 -16.19
N ARG B 354 -19.84 -40.43 -15.08
CA ARG B 354 -21.21 -40.20 -14.64
C ARG B 354 -21.91 -39.28 -15.64
N PRO B 355 -23.20 -39.53 -15.99
CA PRO B 355 -23.96 -38.55 -16.75
C PRO B 355 -24.23 -37.29 -15.91
N ARG B 356 -24.14 -36.12 -16.55
CA ARG B 356 -24.47 -34.84 -15.89
C ARG B 356 -23.62 -34.67 -14.62
N ALA B 357 -22.30 -34.82 -14.75
CA ALA B 357 -21.40 -34.89 -13.57
C ALA B 357 -21.28 -33.54 -12.85
N ARG B 358 -21.60 -32.42 -13.54
CA ARG B 358 -21.57 -31.08 -12.96
C ARG B 358 -22.83 -30.80 -12.12
N HIS B 359 -23.82 -31.71 -12.11
CA HIS B 359 -25.05 -31.53 -11.36
C HIS B 359 -24.85 -32.01 -9.92
N HIS B 360 -24.31 -31.12 -9.05
CA HIS B 360 -24.02 -31.42 -7.63
C HIS B 360 -24.04 -30.12 -6.81
N LEU B 361 -24.03 -30.23 -5.47
CA LEU B 361 -24.18 -29.09 -4.54
C LEU B 361 -22.87 -28.65 -3.87
N SER B 362 -21.71 -29.20 -4.25
CA SER B 362 -20.48 -29.00 -3.46
C SER B 362 -20.03 -27.53 -3.52
N PHE B 363 -20.37 -26.78 -4.59
CA PHE B 363 -20.04 -25.35 -4.72
C PHE B 363 -21.24 -24.43 -4.34
N GLY B 364 -22.27 -25.05 -3.76
CA GLY B 364 -23.54 -24.37 -3.51
C GLY B 364 -24.26 -23.98 -4.80
N PHE B 365 -25.21 -23.07 -4.63
CA PHE B 365 -26.13 -22.68 -5.68
C PHE B 365 -26.67 -21.27 -5.39
N GLY B 366 -26.85 -20.46 -6.44
CA GLY B 366 -27.44 -19.09 -6.27
C GLY B 366 -26.37 -18.00 -6.20
N ILE B 367 -26.68 -16.89 -5.52
CA ILE B 367 -25.82 -15.66 -5.55
C ILE B 367 -24.47 -15.90 -4.86
N HIS B 368 -24.37 -16.89 -3.95
CA HIS B 368 -23.07 -17.19 -3.22
C HIS B 368 -22.31 -18.36 -3.83
N ARG B 369 -22.79 -18.93 -4.94
CA ARG B 369 -22.10 -20.06 -5.57
C ARG B 369 -20.59 -19.73 -5.72
N CYS B 370 -19.76 -20.73 -5.41
CA CYS B 370 -18.32 -20.57 -5.21
C CYS B 370 -17.67 -19.71 -6.31
N LEU B 371 -16.97 -18.66 -5.93
CA LEU B 371 -16.29 -17.80 -6.94
C LEU B 371 -15.11 -18.55 -7.56
N GLY B 372 -14.47 -19.43 -6.78
CA GLY B 372 -13.21 -20.03 -7.23
C GLY B 372 -13.34 -21.37 -7.93
N ASN B 373 -14.55 -21.76 -8.34
CA ASN B 373 -14.83 -23.15 -8.76
C ASN B 373 -13.97 -23.53 -9.98
N ARG B 374 -13.81 -22.61 -10.93
CA ARG B 374 -12.98 -22.91 -12.15
C ARG B 374 -11.49 -23.02 -11.81
N LEU B 375 -11.01 -22.22 -10.84
CA LEU B 375 -9.63 -22.36 -10.39
C LEU B 375 -9.39 -23.71 -9.69
N ALA B 376 -10.31 -24.12 -8.82
CA ALA B 376 -10.25 -25.42 -8.17
C ALA B 376 -10.23 -26.56 -9.19
N GLU B 377 -11.15 -26.56 -10.16
CA GLU B 377 -11.23 -27.63 -11.14
C GLU B 377 -9.99 -27.67 -12.03
N LEU B 378 -9.39 -26.51 -12.30
CA LEU B 378 -8.17 -26.45 -13.12
C LEU B 378 -7.03 -27.16 -12.39
N GLN B 379 -6.85 -26.82 -11.10
CA GLN B 379 -5.81 -27.47 -10.27
C GLN B 379 -6.01 -29.00 -10.22
N LEU B 380 -7.25 -29.44 -9.99
CA LEU B 380 -7.53 -30.89 -9.93
C LEU B 380 -7.30 -31.56 -11.30
N LYS B 381 -7.65 -30.89 -12.39
CA LYS B 381 -7.52 -31.49 -13.71
C LYS B 381 -6.03 -31.78 -13.96
N ILE B 382 -5.17 -30.82 -13.59
CA ILE B 382 -3.73 -30.95 -13.85
C ILE B 382 -3.13 -32.03 -12.94
N LEU B 383 -3.55 -32.10 -11.67
CA LEU B 383 -3.13 -33.17 -10.73
C LEU B 383 -3.47 -34.55 -11.32
N TRP B 384 -4.71 -34.73 -11.81
CA TRP B 384 -5.15 -36.00 -12.36
C TRP B 384 -4.39 -36.33 -13.67
N GLU B 385 -4.10 -35.33 -14.51
CA GLU B 385 -3.28 -35.56 -15.72
C GLU B 385 -1.92 -36.18 -15.31
N GLU B 386 -1.25 -35.58 -14.32
CA GLU B 386 0.11 -36.06 -13.90
C GLU B 386 0.00 -37.43 -13.21
N MET B 387 -1.08 -37.67 -12.45
CA MET B 387 -1.28 -38.97 -11.79
C MET B 387 -1.39 -40.09 -12.84
N CYS B 388 -2.17 -39.83 -13.89
CA CYS B 388 -2.43 -40.77 -14.96
C CYS B 388 -1.14 -41.07 -15.73
N GLU B 389 -0.27 -40.07 -15.90
CA GLU B 389 1.02 -40.25 -16.62
C GLU B 389 2.00 -41.11 -15.83
N ARG B 390 2.02 -41.01 -14.49
CA ARG B 390 3.12 -41.50 -13.65
C ARG B 390 2.78 -42.82 -12.93
N TYR B 391 1.51 -43.03 -12.54
CA TYR B 391 1.20 -44.13 -11.59
C TYR B 391 0.23 -45.14 -12.21
N SER B 392 0.54 -46.43 -11.99
CA SER B 392 -0.37 -47.55 -12.25
C SER B 392 -1.43 -47.70 -11.14
N ARG B 393 -1.11 -47.30 -9.90
CA ARG B 393 -1.94 -47.54 -8.77
C ARG B 393 -1.58 -46.63 -7.58
N ILE B 394 -2.60 -46.12 -6.89
CA ILE B 394 -2.43 -45.31 -5.68
C ILE B 394 -3.01 -46.16 -4.55
N GLU B 395 -2.17 -46.60 -3.61
CA GLU B 395 -2.56 -47.49 -2.54
C GLU B 395 -2.59 -46.74 -1.20
N VAL B 396 -3.75 -46.70 -0.53
CA VAL B 396 -3.81 -46.24 0.87
C VAL B 396 -3.41 -47.42 1.77
N CYS B 397 -2.30 -47.29 2.50
CA CYS B 397 -1.68 -48.44 3.19
C CYS B 397 -1.82 -48.36 4.71
N GLY B 398 -2.53 -47.36 5.25
CA GLY B 398 -2.70 -47.22 6.73
C GLY B 398 -3.99 -46.47 7.04
N GLU B 399 -4.29 -46.23 8.31
CA GLU B 399 -5.59 -45.67 8.70
C GLU B 399 -5.65 -44.18 8.35
N PRO B 400 -6.63 -43.71 7.55
CA PRO B 400 -6.78 -42.26 7.34
C PRO B 400 -7.23 -41.59 8.64
N VAL B 401 -6.77 -40.36 8.87
CA VAL B 401 -7.20 -39.53 9.98
C VAL B 401 -7.89 -38.29 9.39
N ARG B 402 -9.13 -38.04 9.85
CA ARG B 402 -10.01 -36.99 9.34
C ARG B 402 -10.02 -35.77 10.26
N VAL B 403 -10.31 -34.61 9.70
CA VAL B 403 -10.40 -33.36 10.46
C VAL B 403 -11.63 -33.43 11.36
N PRO B 404 -11.51 -33.11 12.66
CA PRO B 404 -12.66 -33.14 13.56
C PRO B 404 -13.50 -31.84 13.45
N SER B 405 -14.28 -31.73 12.37
CA SER B 405 -15.05 -30.52 12.06
C SER B 405 -16.38 -30.94 11.42
N ASN B 406 -17.46 -30.21 11.69
CA ASN B 406 -18.78 -30.42 11.00
C ASN B 406 -18.89 -29.49 9.78
N LEU B 407 -17.83 -28.70 9.51
CA LEU B 407 -17.83 -27.73 8.40
C LEU B 407 -16.85 -28.21 7.31
N VAL B 408 -15.59 -28.39 7.71
CA VAL B 408 -14.52 -28.87 6.81
C VAL B 408 -14.58 -30.41 6.81
N HIS B 409 -14.91 -30.99 5.65
CA HIS B 409 -15.00 -32.42 5.45
C HIS B 409 -13.75 -32.88 4.67
N GLY B 410 -12.68 -33.19 5.41
CA GLY B 410 -11.34 -33.43 4.84
C GLY B 410 -10.46 -34.27 5.77
N TYR B 411 -9.15 -34.16 5.59
CA TYR B 411 -8.17 -35.13 6.14
C TYR B 411 -6.95 -34.44 6.77
N ILE B 412 -6.38 -35.14 7.76
CA ILE B 412 -5.11 -34.81 8.39
C ILE B 412 -3.99 -35.71 7.86
N ASP B 413 -4.27 -37.01 7.72
CA ASP B 413 -3.26 -38.00 7.32
C ASP B 413 -3.91 -39.04 6.41
N ILE B 414 -3.29 -39.27 5.24
CA ILE B 414 -3.62 -40.39 4.37
C ILE B 414 -2.32 -41.09 4.00
N PRO B 415 -1.98 -42.22 4.66
CA PRO B 415 -0.75 -42.97 4.33
C PRO B 415 -0.89 -43.62 2.95
N VAL B 416 -0.04 -43.24 2.00
CA VAL B 416 -0.05 -43.70 0.62
C VAL B 416 1.28 -44.36 0.24
N ARG B 417 1.18 -45.42 -0.57
CA ARG B 417 2.31 -46.00 -1.39
C ARG B 417 1.99 -45.93 -2.88
N LEU B 418 2.95 -45.43 -3.68
CA LEU B 418 2.74 -45.27 -5.12
C LEU B 418 3.34 -46.46 -5.87
N HIS B 419 2.64 -46.89 -6.92
CA HIS B 419 3.12 -47.89 -7.87
C HIS B 419 3.31 -47.21 -9.23
N ALA B 420 4.49 -47.41 -9.85
CA ALA B 420 4.78 -46.85 -11.19
C ALA B 420 4.47 -47.90 -12.28
N PRO C 6 2.43 6.36 3.31
CA PRO C 6 1.04 6.02 2.94
C PRO C 6 0.21 7.22 2.46
N ILE C 7 0.53 7.74 1.27
CA ILE C 7 -0.12 8.91 0.67
C ILE C 7 -1.10 8.40 -0.40
N ASP C 8 -2.38 8.79 -0.33
CA ASP C 8 -3.39 8.31 -1.28
C ASP C 8 -3.40 9.26 -2.48
N ASP C 9 -2.58 8.95 -3.48
CA ASP C 9 -2.40 9.81 -4.65
C ASP C 9 -3.71 9.86 -5.44
N ALA C 10 -4.51 8.80 -5.35
CA ALA C 10 -5.78 8.78 -6.10
C ALA C 10 -6.76 9.81 -5.52
N GLU C 11 -6.84 9.92 -4.20
CA GLU C 11 -7.72 10.92 -3.56
C GLU C 11 -7.22 12.35 -3.88
N ILE C 12 -5.89 12.58 -3.81
CA ILE C 12 -5.33 13.92 -4.01
C ILE C 12 -5.65 14.38 -5.45
N ALA C 13 -5.38 13.50 -6.42
CA ALA C 13 -5.54 13.81 -7.81
C ALA C 13 -6.98 14.22 -8.11
N ARG C 14 -7.93 13.57 -7.44
CA ARG C 14 -9.35 13.84 -7.66
C ARG C 14 -9.83 15.08 -6.89
N SER C 15 -9.04 15.59 -5.93
CA SER C 15 -9.47 16.67 -5.00
C SER C 15 -8.97 18.05 -5.44
N ILE C 16 -7.87 18.10 -6.21
CA ILE C 16 -7.23 19.34 -6.67
C ILE C 16 -7.73 19.74 -8.08
N ALA C 17 -7.42 20.97 -8.49
CA ALA C 17 -7.65 21.52 -9.86
C ALA C 17 -6.51 21.09 -10.79
N LEU C 18 -6.79 21.06 -12.10
CA LEU C 18 -5.75 20.76 -13.10
C LEU C 18 -4.53 21.66 -12.91
N GLU C 19 -4.73 22.96 -12.66
CA GLU C 19 -3.58 23.89 -12.58
C GLU C 19 -2.65 23.54 -11.43
N ASP C 20 -3.07 22.68 -10.49
CA ASP C 20 -2.32 22.38 -9.29
C ASP C 20 -1.37 21.17 -9.45
N ILE C 21 -1.44 20.48 -10.60
CA ILE C 21 -0.67 19.23 -10.81
C ILE C 21 0.79 19.59 -11.17
N ASP C 22 1.73 19.21 -10.29
CA ASP C 22 3.18 19.33 -10.54
C ASP C 22 3.78 17.91 -10.45
N VAL C 23 3.98 17.28 -11.62
CA VAL C 23 4.49 15.90 -11.66
C VAL C 23 6.03 15.86 -11.60
N SER C 24 6.70 16.99 -11.37
CA SER C 24 8.18 17.02 -11.31
C SER C 24 8.75 16.63 -9.94
N LYS C 25 7.90 16.59 -8.89
CA LYS C 25 8.42 16.42 -7.51
C LYS C 25 9.14 15.08 -7.34
N PRO C 26 10.43 15.07 -6.93
CA PRO C 26 11.18 13.82 -6.79
C PRO C 26 10.56 12.83 -5.80
N GLU C 27 9.82 13.36 -4.80
CA GLU C 27 9.12 12.52 -3.86
C GLU C 27 8.04 11.67 -4.53
N LEU C 28 7.41 12.15 -5.61
CA LEU C 28 6.42 11.29 -6.30
C LEU C 28 7.12 10.02 -6.83
N PHE C 29 8.33 10.20 -7.36
CA PHE C 29 9.03 9.09 -7.98
C PHE C 29 9.51 8.12 -6.90
N GLU C 30 9.80 8.65 -5.70
CA GLU C 30 10.23 7.82 -4.56
C GLU C 30 9.20 6.75 -4.22
N ARG C 31 7.91 7.03 -4.44
CA ARG C 31 6.85 6.10 -4.13
C ARG C 31 6.12 5.62 -5.38
N ASP C 32 6.69 5.91 -6.57
CA ASP C 32 6.12 5.51 -7.90
C ASP C 32 4.62 5.84 -7.98
N GLY C 33 4.27 7.09 -7.64
CA GLY C 33 2.90 7.52 -7.47
C GLY C 33 2.39 8.43 -8.59
N LEU C 34 2.99 8.38 -9.79
CA LEU C 34 2.69 9.35 -10.85
C LEU C 34 1.34 9.07 -11.53
N HIS C 35 0.91 7.81 -11.59
CA HIS C 35 -0.08 7.38 -12.58
C HIS C 35 -1.44 8.04 -12.39
N PRO C 36 -1.98 8.30 -11.17
CA PRO C 36 -3.27 8.99 -11.07
C PRO C 36 -3.19 10.39 -11.69
N TYR C 37 -2.01 11.01 -11.64
CA TYR C 37 -1.83 12.42 -12.12
C TYR C 37 -1.72 12.41 -13.65
N PHE C 38 -0.89 11.51 -14.21
CA PHE C 38 -0.74 11.38 -15.66
C PHE C 38 -2.07 10.95 -16.31
N GLU C 39 -2.87 10.11 -15.64
CA GLU C 39 -4.19 9.69 -16.13
C GLU C 39 -5.09 10.93 -16.31
N ARG C 40 -5.13 11.83 -15.33
CA ARG C 40 -5.94 13.04 -15.45
C ARG C 40 -5.42 13.92 -16.59
N LEU C 41 -4.10 14.12 -16.68
CA LEU C 41 -3.51 14.98 -17.72
C LEU C 41 -3.79 14.38 -19.12
N ARG C 42 -3.58 13.07 -19.32
CA ARG C 42 -3.84 12.50 -20.68
C ARG C 42 -5.30 12.69 -21.08
N ARG C 43 -6.23 12.50 -20.13
CA ARG C 43 -7.70 12.54 -20.35
C ARG C 43 -8.23 13.99 -20.52
N GLU C 44 -7.71 14.94 -19.74
CA GLU C 44 -8.34 16.30 -19.59
C GLU C 44 -7.46 17.43 -20.14
N ASP C 45 -6.11 17.27 -20.20
CA ASP C 45 -5.23 18.39 -20.63
C ASP C 45 -3.84 17.86 -21.04
N PRO C 46 -3.75 17.18 -22.21
CA PRO C 46 -2.54 16.48 -22.63
C PRO C 46 -1.32 17.36 -22.97
N VAL C 47 -1.56 18.65 -23.19
CA VAL C 47 -0.51 19.65 -23.34
C VAL C 47 -0.73 20.70 -22.24
N HIS C 48 -0.10 20.48 -21.08
CA HIS C 48 -0.46 21.13 -19.79
C HIS C 48 0.67 22.06 -19.30
N TYR C 49 0.34 23.33 -19.03
CA TYR C 49 1.32 24.26 -18.43
C TYR C 49 1.28 24.22 -16.89
N CYS C 50 2.41 23.85 -16.26
CA CYS C 50 2.68 24.00 -14.82
C CYS C 50 3.28 25.38 -14.58
N LYS C 51 2.61 26.20 -13.75
CA LYS C 51 2.95 27.62 -13.58
C LYS C 51 4.11 27.86 -12.59
N ALA C 52 4.48 26.85 -11.82
CA ALA C 52 5.52 26.97 -10.77
C ALA C 52 5.98 25.57 -10.31
N SER C 53 7.30 25.44 -10.15
CA SER C 53 7.96 24.25 -9.65
C SER C 53 9.36 24.61 -9.17
N GLU C 54 10.02 23.64 -8.56
CA GLU C 54 11.45 23.76 -8.19
C GLU C 54 12.29 24.12 -9.43
N TYR C 55 11.81 23.75 -10.62
CA TYR C 55 12.55 23.88 -11.89
C TYR C 55 11.96 24.98 -12.78
N GLY C 56 11.18 25.88 -12.16
CA GLY C 56 10.49 26.90 -12.95
C GLY C 56 9.24 26.35 -13.64
N PRO C 57 8.49 27.20 -14.35
CA PRO C 57 7.34 26.73 -15.11
C PRO C 57 7.80 25.77 -16.24
N TYR C 58 6.93 24.87 -16.67
CA TYR C 58 7.22 23.92 -17.79
C TYR C 58 5.88 23.36 -18.30
N TRP C 59 5.86 23.00 -19.59
CA TRP C 59 4.81 22.23 -20.26
C TRP C 59 5.06 20.73 -20.09
N SER C 60 3.99 19.99 -19.78
CA SER C 60 3.98 18.54 -19.78
C SER C 60 3.28 18.00 -21.02
N ILE C 61 3.97 17.10 -21.73
CA ILE C 61 3.43 16.42 -22.90
C ILE C 61 3.30 14.96 -22.51
N THR C 62 2.07 14.48 -22.39
CA THR C 62 1.75 13.20 -21.72
C THR C 62 1.19 12.07 -22.63
N LYS C 63 0.76 12.39 -23.87
CA LYS C 63 0.22 11.34 -24.77
C LYS C 63 1.31 10.87 -25.77
N PHE C 64 1.23 9.57 -26.08
CA PHE C 64 2.24 8.86 -26.91
C PHE C 64 2.46 9.60 -28.24
N SER C 65 1.40 9.86 -29.01
CA SER C 65 1.58 10.46 -30.39
C SER C 65 2.11 11.90 -30.34
N ASP C 66 1.73 12.62 -29.28
CA ASP C 66 2.19 14.01 -29.06
C ASP C 66 3.69 14.02 -28.75
N ILE C 67 4.15 13.05 -27.93
CA ILE C 67 5.54 12.96 -27.58
C ILE C 67 6.39 12.69 -28.81
N VAL C 68 5.93 11.78 -29.67
CA VAL C 68 6.62 11.47 -30.94
C VAL C 68 6.79 12.78 -31.75
N ALA C 69 5.73 13.57 -31.82
CA ALA C 69 5.75 14.83 -32.56
C ALA C 69 6.80 15.82 -32.00
N ILE C 70 6.92 15.96 -30.68
CA ILE C 70 7.94 16.86 -30.09
C ILE C 70 9.36 16.34 -30.43
N ASP C 71 9.61 15.05 -30.14
CA ASP C 71 10.92 14.43 -30.28
C ASP C 71 11.43 14.61 -31.73
N THR C 72 10.53 14.40 -32.70
CA THR C 72 10.91 14.44 -34.13
C THR C 72 11.11 15.89 -34.60
N ASN C 73 10.48 16.86 -33.92
CA ASN C 73 10.56 18.30 -34.24
C ASN C 73 11.70 18.95 -33.47
N HIS C 74 12.94 18.53 -33.77
CA HIS C 74 14.09 18.64 -32.85
C HIS C 74 14.75 20.03 -32.84
N LYS C 75 14.34 20.95 -33.73
CA LYS C 75 14.99 22.24 -33.84
C LYS C 75 14.20 23.31 -33.08
N VAL C 76 12.89 23.42 -33.33
CA VAL C 76 12.07 24.41 -32.55
C VAL C 76 11.93 23.95 -31.09
N PHE C 77 11.89 22.64 -30.88
CA PHE C 77 11.97 22.09 -29.53
C PHE C 77 13.42 21.61 -29.34
N SER C 78 14.29 22.55 -28.96
CA SER C 78 15.74 22.39 -28.97
C SER C 78 16.25 21.59 -27.76
N SER C 79 17.31 20.84 -28.00
CA SER C 79 18.11 20.15 -26.95
C SER C 79 19.41 20.91 -26.64
N ASP C 80 19.71 22.01 -27.34
CA ASP C 80 21.14 22.51 -27.38
C ASP C 80 21.56 23.06 -25.99
N HIS C 81 22.83 22.82 -25.64
CA HIS C 81 23.39 23.29 -24.34
C HIS C 81 23.33 24.81 -24.24
N THR C 82 23.40 25.54 -25.36
CA THR C 82 23.30 27.01 -25.33
C THR C 82 21.90 27.45 -24.89
N ASN C 83 20.91 26.53 -24.88
CA ASN C 83 19.51 26.84 -24.56
C ASN C 83 19.07 26.18 -23.26
N GLY C 84 19.95 25.41 -22.61
CA GLY C 84 19.70 24.76 -21.31
C GLY C 84 19.85 23.24 -21.30
N SER C 85 20.15 22.60 -22.45
CA SER C 85 20.28 21.09 -22.61
C SER C 85 18.95 20.37 -22.33
N PHE C 86 18.99 19.08 -21.95
CA PHE C 86 17.87 18.19 -22.22
C PHE C 86 17.23 17.60 -20.95
N VAL C 87 17.49 18.16 -19.77
CA VAL C 87 16.78 17.66 -18.58
C VAL C 87 16.09 18.82 -17.86
N LEU C 88 15.02 18.49 -17.14
CA LEU C 88 14.17 19.54 -16.51
C LEU C 88 14.96 20.33 -15.45
N ASP C 89 15.66 19.65 -14.55
CA ASP C 89 16.50 20.31 -13.49
C ASP C 89 17.79 20.87 -14.11
N ASP C 90 17.90 22.20 -14.17
CA ASP C 90 19.03 22.88 -14.84
C ASP C 90 20.37 22.64 -14.12
N THR C 91 20.36 22.22 -12.85
CA THR C 91 21.60 22.05 -12.11
C THR C 91 22.40 20.83 -12.59
N THR C 92 21.76 19.89 -13.31
CA THR C 92 22.45 18.63 -13.68
C THR C 92 23.54 18.90 -14.74
N LEU C 93 23.28 19.84 -15.66
CA LEU C 93 24.16 20.06 -16.82
C LEU C 93 24.58 21.52 -17.04
N ASN C 94 24.08 22.46 -16.23
CA ASN C 94 24.31 23.88 -16.42
C ASN C 94 25.06 24.44 -15.21
N ALA C 95 25.85 25.49 -15.45
CA ALA C 95 26.49 26.28 -14.37
C ALA C 95 25.46 27.25 -13.76
N VAL C 96 24.49 26.69 -13.02
CA VAL C 96 23.46 27.52 -12.33
C VAL C 96 23.17 26.87 -10.98
N ASP C 97 23.07 27.72 -9.94
CA ASP C 97 22.64 27.33 -8.59
C ASP C 97 23.42 26.14 -7.99
N GLY C 98 24.73 26.06 -8.23
CA GLY C 98 25.54 24.97 -7.66
C GLY C 98 26.11 24.06 -8.74
N GLY C 99 25.39 23.92 -9.87
CA GLY C 99 25.84 23.03 -10.96
C GLY C 99 27.06 23.55 -11.71
N ILE C 100 27.63 22.68 -12.58
CA ILE C 100 28.67 23.02 -13.55
C ILE C 100 28.21 22.70 -14.98
N TYR C 101 28.85 23.38 -15.93
CA TYR C 101 28.51 23.26 -17.34
C TYR C 101 29.02 21.95 -17.90
N LEU C 102 28.11 21.10 -18.42
CA LEU C 102 28.46 19.77 -19.00
C LEU C 102 27.86 19.61 -20.40
N PRO C 103 28.44 20.29 -21.42
CA PRO C 103 27.91 20.16 -22.78
C PRO C 103 28.33 18.82 -23.41
N ASN C 104 27.41 18.21 -24.17
CA ASN C 104 27.65 16.95 -24.83
C ASN C 104 26.68 16.82 -26.00
N PHE C 105 26.84 15.78 -26.83
CA PHE C 105 26.08 15.75 -28.10
C PHE C 105 24.59 15.43 -27.93
N LEU C 106 24.18 14.79 -26.83
CA LEU C 106 22.73 14.66 -26.53
C LEU C 106 22.14 16.07 -26.22
N GLY C 107 22.98 16.96 -25.71
CA GLY C 107 22.71 18.40 -25.54
C GLY C 107 23.25 19.26 -26.69
N MET C 108 23.16 18.74 -27.92
CA MET C 108 23.51 19.53 -29.14
C MET C 108 22.45 19.32 -30.22
N ASP C 109 22.09 20.40 -30.89
CA ASP C 109 21.32 20.32 -32.12
C ASP C 109 22.29 20.04 -33.28
N PRO C 110 21.76 19.61 -34.46
CA PRO C 110 22.56 19.53 -35.70
C PRO C 110 23.01 20.93 -36.12
N PRO C 111 24.19 21.06 -36.77
CA PRO C 111 24.95 19.95 -37.32
C PRO C 111 25.96 19.29 -36.37
N LYS C 112 26.33 19.96 -35.25
CA LYS C 112 27.41 19.44 -34.44
C LYS C 112 27.03 18.10 -33.79
N HIS C 113 25.75 17.93 -33.42
CA HIS C 113 25.23 16.64 -32.90
C HIS C 113 25.71 15.48 -33.80
N ASP C 114 25.53 15.61 -35.13
CA ASP C 114 25.71 14.51 -36.08
C ASP C 114 27.21 14.14 -36.16
N VAL C 115 28.08 15.14 -36.05
CA VAL C 115 29.55 14.92 -36.10
C VAL C 115 29.99 14.08 -34.89
N HIS C 116 29.64 14.52 -33.67
CA HIS C 116 30.00 13.77 -32.43
C HIS C 116 29.42 12.34 -32.43
N ARG C 117 28.15 12.20 -32.82
CA ARG C 117 27.48 10.91 -32.82
C ARG C 117 28.23 9.91 -33.72
N MET C 118 28.64 10.38 -34.91
CA MET C 118 29.33 9.51 -35.89
C MET C 118 30.68 9.02 -35.33
N VAL C 119 31.35 9.81 -34.49
CA VAL C 119 32.66 9.45 -33.93
C VAL C 119 32.54 8.23 -32.99
N VAL C 120 31.51 8.22 -32.14
CA VAL C 120 31.34 7.13 -31.13
C VAL C 120 30.39 6.00 -31.59
N SER C 121 29.63 6.17 -32.68
CA SER C 121 28.66 5.14 -33.15
C SER C 121 29.32 3.79 -33.43
N PRO C 122 30.60 3.68 -33.88
CA PRO C 122 31.21 2.36 -34.08
C PRO C 122 31.30 1.45 -32.84
N ILE C 123 31.10 2.00 -31.63
CA ILE C 123 31.13 1.17 -30.41
C ILE C 123 30.03 0.09 -30.47
N VAL C 124 28.93 0.38 -31.18
CA VAL C 124 27.82 -0.55 -31.29
C VAL C 124 27.78 -1.15 -32.71
N ALA C 125 28.85 -1.05 -33.50
CA ALA C 125 28.91 -1.73 -34.83
C ALA C 125 28.73 -3.24 -34.63
N PRO C 126 28.09 -3.96 -35.59
CA PRO C 126 27.80 -5.39 -35.45
C PRO C 126 29.01 -6.28 -35.08
N GLN C 127 30.21 -6.03 -35.65
CA GLN C 127 31.43 -6.81 -35.31
C GLN C 127 31.79 -6.64 -33.82
N ASN C 128 31.56 -5.44 -33.27
CA ASN C 128 31.83 -5.18 -31.85
C ASN C 128 30.76 -5.80 -30.96
N LEU C 129 29.49 -5.79 -31.37
CA LEU C 129 28.43 -6.46 -30.58
C LEU C 129 28.72 -7.98 -30.48
N LEU C 130 29.28 -8.58 -31.54
CA LEU C 130 29.57 -10.00 -31.50
C LEU C 130 30.67 -10.31 -30.50
N ARG C 131 31.69 -9.45 -30.44
CA ARG C 131 32.80 -9.51 -29.47
C ARG C 131 32.25 -9.31 -28.04
N PHE C 132 31.41 -8.29 -27.83
CA PHE C 132 30.85 -8.07 -26.51
C PHE C 132 29.96 -9.22 -26.03
N GLU C 133 29.16 -9.82 -26.93
CA GLU C 133 28.28 -10.93 -26.59
C GLU C 133 29.05 -11.99 -25.80
N ALA C 134 30.24 -12.34 -26.29
CA ALA C 134 31.01 -13.44 -25.68
C ALA C 134 31.38 -13.06 -24.23
N THR C 135 31.84 -11.82 -24.05
CA THR C 135 32.22 -11.26 -22.72
C THR C 135 31.00 -11.18 -21.78
N ILE C 136 29.88 -10.62 -22.26
CA ILE C 136 28.67 -10.52 -21.48
C ILE C 136 28.21 -11.90 -20.99
N ARG C 137 28.26 -12.92 -21.87
CA ARG C 137 27.79 -14.29 -21.52
C ARG C 137 28.66 -14.87 -20.41
N GLU C 138 29.99 -14.76 -20.53
CA GLU C 138 30.91 -15.29 -19.50
C GLU C 138 30.66 -14.60 -18.16
N ARG C 139 30.56 -13.27 -18.17
CA ARG C 139 30.32 -12.51 -16.94
C ARG C 139 28.93 -12.82 -16.34
N THR C 140 27.89 -12.89 -17.16
CA THR C 140 26.55 -13.12 -16.60
C THR C 140 26.52 -14.50 -15.92
N LYS C 141 27.05 -15.52 -16.58
CA LYS C 141 27.13 -16.89 -15.99
C LYS C 141 27.91 -16.88 -14.67
N ARG C 142 29.09 -16.21 -14.67
CA ARG C 142 29.95 -16.18 -13.48
C ARG C 142 29.26 -15.49 -12.30
N VAL C 143 28.71 -14.29 -12.52
CA VAL C 143 28.05 -13.54 -11.45
C VAL C 143 26.87 -14.33 -10.91
N LEU C 144 25.98 -14.84 -11.78
CA LEU C 144 24.73 -15.49 -11.30
C LEU C 144 25.07 -16.82 -10.59
N SER C 145 26.11 -17.53 -11.06
CA SER C 145 26.55 -18.80 -10.43
C SER C 145 27.01 -18.61 -8.99
N GLU C 146 27.42 -17.39 -8.61
CA GLU C 146 27.93 -17.11 -7.25
C GLU C 146 26.82 -16.50 -6.37
N LEU C 147 25.62 -16.24 -6.91
CA LEU C 147 24.55 -15.77 -6.04
C LEU C 147 24.09 -16.92 -5.14
N PRO C 148 23.78 -16.67 -3.85
CA PRO C 148 23.29 -17.72 -2.95
C PRO C 148 21.83 -18.09 -3.26
N ILE C 149 21.45 -19.34 -2.94
CA ILE C 149 20.11 -19.85 -3.10
C ILE C 149 19.48 -19.87 -1.71
N GLY C 150 18.36 -19.16 -1.53
CA GLY C 150 17.59 -19.19 -0.27
C GLY C 150 18.13 -18.25 0.81
N GLU C 151 18.97 -17.27 0.45
CA GLU C 151 19.38 -16.19 1.37
C GLU C 151 19.19 -14.83 0.71
N GLU C 152 18.82 -13.85 1.52
CA GLU C 152 18.45 -12.51 1.07
C GLU C 152 19.70 -11.74 0.64
N PHE C 153 19.63 -11.02 -0.51
CA PHE C 153 20.71 -10.12 -0.95
C PHE C 153 20.08 -8.94 -1.72
N ASN C 154 20.84 -7.85 -1.91
CA ASN C 154 20.38 -6.70 -2.71
C ASN C 154 20.63 -6.98 -4.20
N TRP C 155 19.59 -7.28 -4.98
CA TRP C 155 19.73 -7.53 -6.43
C TRP C 155 20.38 -6.35 -7.15
N VAL C 156 20.08 -5.11 -6.72
CA VAL C 156 20.66 -3.90 -7.40
C VAL C 156 22.19 -3.96 -7.34
N ASP C 157 22.74 -4.29 -6.16
CA ASP C 157 24.22 -4.34 -5.90
C ASP C 157 24.84 -5.57 -6.55
N ARG C 158 24.24 -6.76 -6.35
CA ARG C 158 24.87 -8.03 -6.74
C ARG C 158 24.67 -8.32 -8.23
N VAL C 159 23.62 -7.81 -8.87
CA VAL C 159 23.37 -8.12 -10.29
C VAL C 159 23.45 -6.81 -11.10
N SER C 160 22.49 -5.91 -10.87
CA SER C 160 22.33 -4.72 -11.77
C SER C 160 23.62 -3.91 -11.91
N ILE C 161 24.17 -3.45 -10.79
CA ILE C 161 25.38 -2.63 -10.78
C ILE C 161 26.61 -3.47 -11.20
N GLU C 162 26.75 -4.68 -10.64
CA GLU C 162 27.92 -5.53 -10.90
C GLU C 162 28.06 -5.71 -12.42
N LEU C 163 26.99 -6.12 -13.10
CA LEU C 163 27.10 -6.45 -14.53
C LEU C 163 27.26 -5.19 -15.40
N THR C 164 26.47 -4.14 -15.12
CA THR C 164 26.48 -2.95 -16.02
C THR C 164 27.74 -2.13 -15.86
N THR C 165 28.32 -2.08 -14.64
CA THR C 165 29.58 -1.38 -14.40
C THR C 165 30.72 -2.14 -15.10
N MET C 166 30.70 -3.48 -15.06
CA MET C 166 31.70 -4.27 -15.82
C MET C 166 31.60 -3.95 -17.32
N MET C 167 30.37 -3.88 -17.88
CA MET C 167 30.20 -3.58 -19.32
C MET C 167 30.71 -2.16 -19.62
N LEU C 168 30.41 -1.19 -18.76
CA LEU C 168 30.84 0.18 -19.01
C LEU C 168 32.39 0.24 -18.97
N ALA C 169 32.99 -0.46 -18.00
CA ALA C 169 34.46 -0.51 -17.92
C ALA C 169 35.06 -1.03 -19.23
N THR C 170 34.47 -2.07 -19.83
CA THR C 170 34.90 -2.59 -21.17
C THR C 170 34.74 -1.53 -22.26
N LEU C 171 33.64 -0.78 -22.27
CA LEU C 171 33.39 0.22 -23.33
C LEU C 171 34.43 1.35 -23.29
N LEU C 172 34.98 1.63 -22.10
CA LEU C 172 36.00 2.71 -21.87
C LEU C 172 37.43 2.14 -21.75
N ASP C 173 37.57 0.80 -21.77
CA ASP C 173 38.81 0.11 -21.31
C ASP C 173 39.36 0.80 -20.07
N PHE C 174 38.52 0.87 -19.05
CA PHE C 174 38.82 1.49 -17.75
C PHE C 174 39.35 0.40 -16.82
N PRO C 175 40.43 0.62 -16.05
CA PRO C 175 41.02 -0.43 -15.21
C PRO C 175 40.02 -1.19 -14.33
N PHE C 176 39.93 -2.51 -14.54
CA PHE C 176 38.84 -3.34 -14.05
C PHE C 176 38.67 -3.14 -12.54
N ASP C 177 39.79 -3.12 -11.82
CA ASP C 177 39.77 -3.12 -10.35
C ASP C 177 39.38 -1.75 -9.76
N ASP C 178 39.38 -0.69 -10.57
CA ASP C 178 38.94 0.62 -10.12
C ASP C 178 37.51 0.93 -10.60
N ARG C 179 36.80 -0.09 -11.11
CA ARG C 179 35.57 0.16 -11.92
C ARG C 179 34.46 0.82 -11.07
N ARG C 180 34.54 0.66 -9.75
CA ARG C 180 33.49 1.16 -8.83
C ARG C 180 33.48 2.69 -8.87
N LYS C 181 34.60 3.31 -9.29
CA LYS C 181 34.69 4.76 -9.43
C LYS C 181 33.70 5.27 -10.49
N LEU C 182 33.46 4.45 -11.53
CA LEU C 182 32.50 4.81 -12.60
C LEU C 182 31.08 4.89 -12.03
N THR C 183 30.73 3.92 -11.17
CA THR C 183 29.41 3.93 -10.50
C THR C 183 29.20 5.18 -9.65
N ARG C 184 30.25 5.61 -8.94
CA ARG C 184 30.23 6.80 -8.08
C ARG C 184 30.09 8.09 -8.93
N TRP C 185 30.92 8.22 -9.97
CA TRP C 185 30.80 9.44 -10.81
C TRP C 185 29.40 9.53 -11.43
N SER C 186 28.90 8.40 -11.95
CA SER C 186 27.56 8.29 -12.54
C SER C 186 26.51 8.80 -11.54
N ASP C 187 26.51 8.22 -10.33
CA ASP C 187 25.54 8.60 -9.31
C ASP C 187 25.57 10.10 -8.99
N ILE C 188 26.74 10.72 -8.86
CA ILE C 188 26.80 12.14 -8.41
C ILE C 188 26.38 13.12 -9.53
N ILE C 189 26.51 12.74 -10.80
CA ILE C 189 26.15 13.66 -11.86
C ILE C 189 24.65 14.05 -11.76
N THR C 190 23.78 13.10 -11.45
CA THR C 190 22.31 13.29 -11.48
C THR C 190 21.73 13.58 -10.09
N THR C 191 22.55 13.93 -9.10
CA THR C 191 22.02 14.12 -7.70
C THR C 191 21.98 15.61 -7.33
N ARG C 192 21.41 15.93 -6.15
CA ARG C 192 21.54 17.24 -5.53
C ARG C 192 22.03 17.07 -4.09
N PRO C 193 22.64 18.09 -3.46
CA PRO C 193 23.06 17.96 -2.06
C PRO C 193 21.89 17.56 -1.15
N GLY C 194 22.15 16.61 -0.23
CA GLY C 194 21.18 16.18 0.79
C GLY C 194 20.44 14.91 0.43
N TYR C 195 20.50 14.49 -0.85
CA TYR C 195 19.72 13.36 -1.34
C TYR C 195 20.46 12.04 -1.13
N GLY C 196 21.57 12.07 -0.39
CA GLY C 196 22.23 10.86 0.15
C GLY C 196 23.57 10.52 -0.52
N LEU C 197 24.03 11.31 -1.49
CA LEU C 197 25.30 11.00 -2.20
C LEU C 197 26.38 12.06 -1.95
N VAL C 198 26.03 13.35 -2.07
CA VAL C 198 26.92 14.47 -1.78
C VAL C 198 26.25 15.42 -0.76
N ASP C 199 27.10 16.12 -0.02
CA ASP C 199 26.70 17.03 1.01
C ASP C 199 26.70 18.49 0.53
N SER C 200 27.38 18.80 -0.58
CA SER C 200 27.51 20.16 -1.09
C SER C 200 27.72 20.15 -2.60
N TRP C 201 27.44 21.30 -3.26
CA TRP C 201 27.74 21.47 -4.67
C TRP C 201 29.27 21.43 -4.91
N GLU C 202 30.03 22.00 -3.98
CA GLU C 202 31.51 22.02 -4.09
C GLU C 202 32.08 20.59 -4.11
N GLN C 203 31.55 19.70 -3.24
CA GLN C 203 31.95 18.31 -3.16
C GLN C 203 31.73 17.65 -4.54
N ARG C 204 30.52 17.82 -5.09
CA ARG C 204 30.19 17.27 -6.42
C ARG C 204 31.25 17.71 -7.45
N GLU C 205 31.49 19.01 -7.53
CA GLU C 205 32.42 19.59 -8.48
C GLU C 205 33.84 19.02 -8.30
N SER C 206 34.30 18.95 -7.04
CA SER C 206 35.67 18.43 -6.72
C SER C 206 35.82 16.98 -7.22
N GLU C 207 34.81 16.14 -6.95
CA GLU C 207 34.79 14.73 -7.38
C GLU C 207 34.82 14.66 -8.93
N LEU C 208 34.11 15.57 -9.62
CA LEU C 208 34.10 15.50 -11.07
C LEU C 208 35.43 15.99 -11.65
N MET C 209 36.20 16.80 -10.92
CA MET C 209 37.54 17.22 -11.45
C MET C 209 38.51 16.02 -11.36
N GLU C 210 38.29 15.11 -10.38
CA GLU C 210 39.06 13.88 -10.29
C GLU C 210 38.76 12.96 -11.48
N CYS C 211 37.46 12.85 -11.84
CA CYS C 211 37.00 12.18 -13.09
C CYS C 211 37.78 12.73 -14.32
N LEU C 212 37.72 14.05 -14.52
CA LEU C 212 38.38 14.68 -15.66
C LEU C 212 39.87 14.32 -15.66
N ALA C 213 40.55 14.49 -14.51
CA ALA C 213 42.03 14.19 -14.43
C ALA C 213 42.31 12.72 -14.80
N TYR C 214 41.53 11.77 -14.26
CA TYR C 214 41.72 10.32 -14.55
C TYR C 214 41.62 10.07 -16.06
N PHE C 215 40.61 10.65 -16.72
CA PHE C 215 40.35 10.40 -18.11
C PHE C 215 41.34 11.16 -19.01
N GLN C 216 41.89 12.27 -18.55
CA GLN C 216 42.98 12.97 -19.30
C GLN C 216 44.22 12.04 -19.41
N ARG C 217 44.55 11.32 -18.33
CA ARG C 217 45.65 10.33 -18.33
C ARG C 217 45.33 9.21 -19.34
N LEU C 218 44.11 8.64 -19.27
CA LEU C 218 43.74 7.51 -20.17
C LEU C 218 43.78 7.97 -21.62
N TYR C 219 43.37 9.23 -21.87
CA TYR C 219 43.34 9.78 -23.24
C TYR C 219 44.76 9.75 -23.84
N ALA C 220 45.75 10.18 -23.06
CA ALA C 220 47.15 10.21 -23.57
C ALA C 220 47.65 8.79 -23.86
N GLU C 221 47.32 7.82 -22.98
CA GLU C 221 47.65 6.42 -23.21
C GLU C 221 47.05 5.91 -24.52
N ARG C 222 45.79 6.27 -24.80
CA ARG C 222 45.11 5.73 -25.97
C ARG C 222 45.67 6.37 -27.26
N GLN C 223 46.14 7.60 -27.17
CA GLN C 223 46.78 8.27 -28.31
C GLN C 223 48.04 7.51 -28.73
N ALA C 224 48.74 6.91 -27.76
CA ALA C 224 49.99 6.19 -28.02
C ALA C 224 49.77 4.71 -28.39
N MET C 225 48.51 4.27 -28.54
CA MET C 225 48.16 2.94 -28.89
C MET C 225 47.46 2.97 -30.24
N PRO C 226 47.41 1.85 -30.99
CA PRO C 226 46.66 1.80 -32.23
C PRO C 226 45.17 1.85 -31.92
N PRO C 227 44.32 2.24 -32.90
CA PRO C 227 42.86 2.32 -32.66
C PRO C 227 42.34 1.00 -32.11
N LYS C 228 41.54 1.10 -31.05
CA LYS C 228 40.91 0.01 -30.37
C LYS C 228 39.38 0.23 -30.35
N PRO C 229 38.57 -0.82 -30.19
CA PRO C 229 37.12 -0.62 -30.00
C PRO C 229 36.75 -0.24 -28.56
N ASP C 230 37.23 0.94 -28.11
CA ASP C 230 36.85 1.57 -26.83
C ASP C 230 36.57 3.06 -27.11
N LEU C 231 35.70 3.67 -26.31
CA LEU C 231 35.22 5.05 -26.53
C LEU C 231 36.34 6.11 -26.40
N ILE C 232 37.32 5.89 -25.51
CA ILE C 232 38.39 6.86 -25.30
C ILE C 232 39.33 6.85 -26.53
N SER C 233 39.70 5.66 -26.99
CA SER C 233 40.47 5.47 -28.25
C SER C 233 39.80 6.13 -29.45
N MET C 234 38.47 5.92 -29.61
CA MET C 234 37.73 6.57 -30.69
C MET C 234 37.86 8.10 -30.61
N LEU C 235 37.74 8.70 -29.41
CA LEU C 235 37.85 10.15 -29.26
C LEU C 235 39.28 10.59 -29.63
N ALA C 236 40.26 9.85 -29.09
CA ALA C 236 41.68 10.15 -29.22
C ALA C 236 42.17 10.06 -30.68
N HIS C 237 41.55 9.20 -31.50
CA HIS C 237 42.03 9.03 -32.91
C HIS C 237 41.14 9.75 -33.94
N SER C 238 40.17 10.57 -33.50
CA SER C 238 39.25 11.25 -34.42
C SER C 238 39.74 12.66 -34.72
N PRO C 239 40.06 13.01 -35.99
CA PRO C 239 40.41 14.40 -36.32
C PRO C 239 39.36 15.47 -35.94
N GLU C 240 38.07 15.11 -36.01
CA GLU C 240 37.02 16.13 -35.66
C GLU C 240 36.96 16.43 -34.15
N MET C 241 37.60 15.63 -33.31
CA MET C 241 37.56 15.82 -31.84
C MET C 241 38.82 16.51 -31.29
N GLN C 242 39.74 16.95 -32.15
CA GLN C 242 41.06 17.31 -31.66
C GLN C 242 41.12 18.73 -31.08
N ASP C 243 40.05 19.53 -31.18
CA ASP C 243 40.06 20.77 -30.41
C ASP C 243 38.91 20.80 -29.39
N LEU C 244 38.55 19.63 -28.82
CA LEU C 244 37.74 19.59 -27.57
C LEU C 244 38.46 20.37 -26.45
N THR C 245 37.73 21.27 -25.79
CA THR C 245 38.23 21.90 -24.58
C THR C 245 38.11 20.91 -23.43
N PRO C 246 38.77 21.14 -22.27
CA PRO C 246 38.54 20.34 -21.07
C PRO C 246 37.08 20.31 -20.63
N THR C 247 36.37 21.43 -20.81
CA THR C 247 34.93 21.54 -20.48
C THR C 247 34.12 20.58 -21.36
N ASP C 248 34.36 20.59 -22.68
CA ASP C 248 33.67 19.73 -23.64
C ASP C 248 33.99 18.24 -23.38
N PHE C 249 35.22 17.92 -23.00
CA PHE C 249 35.64 16.55 -22.69
C PHE C 249 34.90 16.02 -21.45
N LEU C 250 34.86 16.80 -20.36
CA LEU C 250 34.17 16.38 -19.14
C LEU C 250 32.68 16.21 -19.43
N GLY C 251 32.11 17.13 -20.21
CA GLY C 251 30.68 17.03 -20.62
C GLY C 251 30.37 15.74 -21.38
N THR C 252 31.28 15.36 -22.30
CA THR C 252 31.16 14.14 -23.11
C THR C 252 31.29 12.90 -22.19
N LEU C 253 32.25 12.94 -21.25
CA LEU C 253 32.43 11.84 -20.32
C LEU C 253 31.15 11.64 -19.50
N ALA C 254 30.52 12.74 -19.08
CA ALA C 254 29.33 12.64 -18.28
C ALA C 254 28.24 11.85 -19.02
N LEU C 255 28.02 12.19 -20.30
CA LEU C 255 27.05 11.51 -21.16
C LEU C 255 27.41 10.02 -21.26
N LEU C 256 28.68 9.73 -21.57
CA LEU C 256 29.07 8.32 -21.79
C LEU C 256 28.97 7.48 -20.52
N ILE C 257 29.43 8.02 -19.38
CA ILE C 257 29.42 7.34 -18.10
C ILE C 257 27.98 7.07 -17.65
N VAL C 258 27.15 8.11 -17.50
CA VAL C 258 25.75 7.90 -17.10
C VAL C 258 25.00 7.02 -18.13
N GLY C 259 25.07 7.44 -19.39
CA GLY C 259 24.26 6.83 -20.46
C GLY C 259 24.61 5.35 -20.64
N GLY C 260 25.89 5.04 -20.43
CA GLY C 260 26.43 3.72 -20.66
C GLY C 260 26.16 2.74 -19.52
N ASN C 261 25.53 3.18 -18.41
CA ASN C 261 25.27 2.18 -17.37
C ASN C 261 23.93 2.34 -16.61
N ASP C 262 23.53 3.57 -16.24
CA ASP C 262 22.42 3.81 -15.30
C ASP C 262 21.09 3.24 -15.82
N THR C 263 20.83 3.45 -17.12
CA THR C 263 19.61 3.03 -17.76
C THR C 263 19.55 1.51 -17.89
N THR C 264 20.64 0.87 -18.30
CA THR C 264 20.66 -0.60 -18.30
C THR C 264 20.57 -1.15 -16.86
N ARG C 265 21.19 -0.47 -15.89
CA ARG C 265 21.09 -0.85 -14.48
C ARG C 265 19.60 -0.90 -14.05
N SER C 266 18.83 0.14 -14.40
CA SER C 266 17.38 0.21 -14.05
C SER C 266 16.61 -0.91 -14.73
N SER C 267 17.02 -1.28 -15.95
CA SER C 267 16.34 -2.35 -16.70
C SER C 267 16.59 -3.72 -16.08
N MET C 268 17.81 -3.92 -15.56
CA MET C 268 18.13 -5.19 -14.91
C MET C 268 17.40 -5.31 -13.57
N SER C 269 17.21 -4.18 -12.87
CA SER C 269 16.44 -4.13 -11.62
C SER C 269 14.96 -4.39 -11.91
N GLY C 270 14.44 -3.72 -12.94
CA GLY C 270 13.06 -3.99 -13.42
C GLY C 270 12.84 -5.43 -13.84
N SER C 271 13.88 -6.12 -14.35
CA SER C 271 13.78 -7.54 -14.74
C SER C 271 13.41 -8.40 -13.51
N ALA C 272 14.04 -8.11 -12.36
CA ALA C 272 13.68 -8.82 -11.13
C ALA C 272 12.26 -8.47 -10.69
N MET C 273 11.90 -7.18 -10.74
CA MET C 273 10.57 -6.79 -10.32
C MET C 273 9.48 -7.44 -11.22
N ALA C 274 9.73 -7.51 -12.54
CA ALA C 274 8.78 -8.10 -13.48
C ALA C 274 8.56 -9.59 -13.15
N CYS C 275 9.64 -10.32 -12.85
CA CYS C 275 9.58 -11.75 -12.53
C CYS C 275 8.86 -12.00 -11.18
N HIS C 276 9.00 -11.10 -10.22
CA HIS C 276 8.28 -11.20 -8.95
C HIS C 276 6.80 -10.78 -9.08
N LEU C 277 6.51 -9.60 -9.66
CA LEU C 277 5.14 -9.05 -9.76
C LEU C 277 4.25 -9.78 -10.78
N TYR C 278 4.85 -10.35 -11.84
CA TYR C 278 4.19 -11.07 -12.95
C TYR C 278 4.83 -12.43 -13.16
N PRO C 279 4.80 -13.28 -12.11
CA PRO C 279 5.46 -14.57 -12.17
C PRO C 279 4.95 -15.52 -13.27
N GLN C 280 3.66 -15.42 -13.62
CA GLN C 280 3.07 -16.22 -14.71
C GLN C 280 3.75 -15.91 -16.06
N GLU C 281 4.11 -14.63 -16.27
CA GLU C 281 4.82 -14.26 -17.50
C GLU C 281 6.22 -14.87 -17.51
N PHE C 282 6.90 -14.89 -16.37
CA PHE C 282 8.24 -15.56 -16.26
C PHE C 282 8.08 -17.05 -16.65
N ASP C 283 7.03 -17.70 -16.11
CA ASP C 283 6.79 -19.13 -16.38
C ASP C 283 6.62 -19.35 -17.89
N LYS C 284 6.01 -18.39 -18.57
CA LYS C 284 5.74 -18.49 -19.99
C LYS C 284 7.01 -18.43 -20.83
N VAL C 285 7.93 -17.49 -20.55
CA VAL C 285 9.19 -17.44 -21.33
C VAL C 285 10.11 -18.62 -20.92
N ARG C 286 10.01 -19.11 -19.69
CA ARG C 286 10.75 -20.33 -19.29
C ARG C 286 10.37 -21.52 -20.18
N ASN C 287 9.07 -21.63 -20.48
CA ASN C 287 8.55 -22.72 -21.33
C ASN C 287 8.85 -22.53 -22.81
N ASN C 288 8.87 -21.29 -23.29
CA ASN C 288 9.14 -20.99 -24.70
C ASN C 288 10.15 -19.84 -24.79
N ARG C 289 11.41 -20.21 -25.01
CA ARG C 289 12.51 -19.25 -24.99
C ARG C 289 12.47 -18.28 -26.16
N ALA C 290 11.73 -18.63 -27.22
CA ALA C 290 11.58 -17.77 -28.38
C ALA C 290 10.87 -16.46 -28.01
N LEU C 291 10.08 -16.47 -26.91
CA LEU C 291 9.40 -15.26 -26.41
C LEU C 291 10.39 -14.18 -25.98
N LEU C 292 11.70 -14.49 -25.83
CA LEU C 292 12.65 -13.40 -25.46
C LEU C 292 12.58 -12.25 -26.48
N ALA C 293 12.17 -12.56 -27.71
CA ALA C 293 12.10 -11.54 -28.75
C ALA C 293 11.07 -10.45 -28.37
N SER C 294 10.00 -10.80 -27.61
CA SER C 294 8.96 -9.83 -27.14
C SER C 294 9.20 -9.40 -25.67
N VAL C 295 9.81 -10.26 -24.86
CA VAL C 295 10.06 -9.98 -23.42
C VAL C 295 11.04 -8.81 -23.23
N ILE C 296 12.15 -8.77 -24.01
CA ILE C 296 13.20 -7.77 -23.75
C ILE C 296 12.69 -6.36 -24.08
N PRO C 297 12.07 -6.11 -25.26
CA PRO C 297 11.47 -4.80 -25.50
C PRO C 297 10.42 -4.44 -24.43
N GLU C 298 9.62 -5.42 -24.03
CA GLU C 298 8.56 -5.19 -23.04
C GLU C 298 9.13 -4.76 -21.67
N VAL C 299 10.24 -5.37 -21.24
CA VAL C 299 10.96 -5.01 -20.00
C VAL C 299 11.29 -3.51 -20.06
N VAL C 300 11.83 -3.09 -21.21
CA VAL C 300 12.26 -1.70 -21.37
C VAL C 300 11.05 -0.74 -21.35
N ARG C 301 9.96 -1.08 -22.03
CA ARG C 301 8.69 -0.29 -21.98
C ARG C 301 8.13 -0.25 -20.55
N TRP C 302 8.02 -1.42 -19.90
CA TRP C 302 7.36 -1.51 -18.59
C TRP C 302 8.18 -0.76 -17.52
N GLN C 303 9.51 -0.90 -17.55
CA GLN C 303 10.40 -0.16 -16.58
C GLN C 303 10.42 1.34 -16.90
N THR C 304 10.56 1.71 -18.20
CA THR C 304 10.81 3.14 -18.62
C THR C 304 11.93 3.75 -17.76
N PRO C 305 13.21 3.31 -17.96
CA PRO C 305 14.34 3.78 -17.14
C PRO C 305 14.59 5.29 -17.09
N ILE C 306 14.27 6.00 -18.20
CA ILE C 306 14.32 7.47 -18.29
C ILE C 306 12.88 8.00 -18.35
N ALA C 307 12.46 8.71 -17.31
CA ALA C 307 11.05 9.11 -17.16
C ALA C 307 10.68 10.28 -18.08
N HIS C 308 11.64 11.17 -18.37
CA HIS C 308 11.39 12.36 -19.19
C HIS C 308 12.64 12.74 -19.96
N MET C 309 12.45 13.47 -21.07
CA MET C 309 13.49 14.30 -21.66
C MET C 309 12.88 15.69 -21.89
N ARG C 310 13.72 16.73 -21.70
CA ARG C 310 13.27 18.15 -21.78
C ARG C 310 13.81 18.82 -23.07
N ARG C 311 13.05 19.81 -23.55
CA ARG C 311 13.37 20.68 -24.71
C ARG C 311 13.10 22.13 -24.31
N THR C 312 13.56 23.07 -25.12
CA THR C 312 13.32 24.52 -24.92
C THR C 312 12.81 25.08 -26.24
N ALA C 313 11.65 25.77 -26.20
CA ALA C 313 11.07 26.33 -27.40
C ALA C 313 11.94 27.49 -27.92
N LEU C 314 12.31 27.48 -29.21
CA LEU C 314 13.12 28.57 -29.78
C LEU C 314 12.27 29.71 -30.34
N GLU C 315 10.95 29.52 -30.40
CA GLU C 315 10.04 30.50 -31.00
C GLU C 315 8.67 30.22 -30.40
N ASP C 316 7.76 31.21 -30.41
CA ASP C 316 6.36 30.94 -30.06
C ASP C 316 5.75 29.90 -31.04
N VAL C 317 4.97 28.97 -30.52
CA VAL C 317 4.37 27.93 -31.33
C VAL C 317 3.01 27.57 -30.72
N GLU C 318 2.02 27.37 -31.59
CA GLU C 318 0.77 26.80 -31.19
C GLU C 318 0.84 25.28 -31.42
N PHE C 319 0.61 24.51 -30.34
CA PHE C 319 0.64 23.03 -30.35
C PHE C 319 -0.61 22.51 -29.63
N ARG C 320 -1.44 21.76 -30.38
CA ARG C 320 -2.72 21.23 -29.90
C ARG C 320 -3.55 22.31 -29.21
N GLY C 321 -3.63 23.47 -29.85
CA GLY C 321 -4.47 24.57 -29.37
C GLY C 321 -3.87 25.40 -28.23
N LYS C 322 -2.64 25.08 -27.78
CA LYS C 322 -1.95 25.81 -26.68
C LYS C 322 -0.84 26.70 -27.24
N GLN C 323 -0.68 27.88 -26.62
CA GLN C 323 0.36 28.86 -27.07
C GLN C 323 1.62 28.65 -26.21
N ILE C 324 2.59 27.89 -26.75
CA ILE C 324 3.90 27.77 -26.11
C ILE C 324 4.71 29.02 -26.49
N ARG C 325 5.39 29.64 -25.52
CA ARG C 325 6.16 30.87 -25.78
C ARG C 325 7.66 30.55 -25.95
N LYS C 326 8.34 31.36 -26.78
CA LYS C 326 9.81 31.36 -26.91
C LYS C 326 10.46 31.30 -25.51
N GLY C 327 11.30 30.29 -25.32
CA GLY C 327 12.07 30.08 -24.10
C GLY C 327 11.41 29.20 -23.04
N ASP C 328 10.15 28.77 -23.25
CA ASP C 328 9.46 27.82 -22.35
C ASP C 328 10.19 26.46 -22.37
N LYS C 329 10.24 25.81 -21.19
CA LYS C 329 10.56 24.39 -21.08
C LYS C 329 9.36 23.56 -21.55
N VAL C 330 9.66 22.51 -22.34
CA VAL C 330 8.67 21.54 -22.83
C VAL C 330 9.18 20.13 -22.48
N VAL C 331 8.44 19.41 -21.64
CA VAL C 331 8.88 18.11 -21.12
C VAL C 331 8.01 16.99 -21.71
N MET C 332 8.71 16.03 -22.35
CA MET C 332 8.17 14.76 -22.86
C MET C 332 8.21 13.70 -21.74
N TRP C 333 7.03 13.32 -21.21
CA TRP C 333 6.93 12.30 -20.11
C TRP C 333 6.80 10.89 -20.73
N TYR C 334 7.93 10.30 -21.11
CA TYR C 334 7.96 8.93 -21.60
C TYR C 334 7.25 8.01 -20.59
N LEU C 335 7.42 8.25 -19.29
CA LEU C 335 6.73 7.38 -18.27
C LEU C 335 5.19 7.42 -18.43
N SER C 336 4.63 8.55 -18.87
CA SER C 336 3.17 8.69 -19.19
C SER C 336 2.84 8.03 -20.55
N GLY C 337 3.58 8.43 -21.58
CA GLY C 337 3.32 7.95 -22.94
C GLY C 337 3.31 6.43 -23.06
N ASN C 338 4.22 5.75 -22.33
CA ASN C 338 4.27 4.28 -22.29
C ASN C 338 3.11 3.65 -21.50
N ARG C 339 2.24 4.48 -20.87
CA ARG C 339 0.97 4.02 -20.23
C ARG C 339 -0.27 4.59 -20.95
N ASP C 340 -0.12 5.09 -22.18
CA ASP C 340 -1.25 5.63 -22.97
C ASP C 340 -2.07 4.50 -23.59
N ASP C 341 -3.29 4.24 -23.06
CA ASP C 341 -4.04 3.06 -23.48
C ASP C 341 -4.76 3.29 -24.83
N GLU C 342 -4.68 4.48 -25.41
CA GLU C 342 -5.06 4.67 -26.83
C GLU C 342 -4.09 3.89 -27.74
N VAL C 343 -2.85 3.66 -27.30
CA VAL C 343 -1.83 3.06 -28.16
C VAL C 343 -1.46 1.64 -27.66
N ILE C 344 -1.37 1.45 -26.33
CA ILE C 344 -0.87 0.22 -25.70
C ILE C 344 -1.97 -0.34 -24.78
N ASP C 345 -2.36 -1.60 -24.96
CA ASP C 345 -3.45 -2.23 -24.18
C ASP C 345 -2.95 -2.66 -22.80
N ARG C 346 -3.74 -2.37 -21.76
CA ARG C 346 -3.43 -2.72 -20.39
C ARG C 346 -1.97 -2.41 -20.08
N PRO C 347 -1.54 -1.14 -20.24
CA PRO C 347 -0.12 -0.78 -20.23
C PRO C 347 0.54 -0.86 -18.85
N MET C 348 -0.24 -0.88 -17.74
CA MET C 348 0.35 -1.02 -16.38
C MET C 348 0.93 -2.42 -16.16
N ASP C 349 0.47 -3.41 -16.95
CA ASP C 349 0.85 -4.82 -16.82
C ASP C 349 2.08 -5.13 -17.68
N PHE C 350 2.94 -6.02 -17.15
CA PHE C 350 4.00 -6.71 -17.87
C PHE C 350 3.42 -7.97 -18.54
N ILE C 351 3.59 -8.04 -19.87
CA ILE C 351 3.03 -9.08 -20.73
C ILE C 351 4.13 -9.62 -21.65
N ALA C 352 4.46 -10.93 -21.56
CA ALA C 352 5.65 -11.52 -22.23
C ALA C 352 5.45 -11.67 -23.75
N ASP C 353 4.17 -11.70 -24.18
CA ASP C 353 3.76 -11.99 -25.55
C ASP C 353 2.97 -10.81 -26.13
N ARG C 354 3.37 -9.57 -25.80
CA ARG C 354 2.63 -8.38 -26.21
C ARG C 354 2.78 -8.21 -27.72
N PRO C 355 1.67 -7.89 -28.44
CA PRO C 355 1.76 -7.49 -29.84
C PRO C 355 2.57 -6.20 -30.01
N ARG C 356 3.30 -6.10 -31.12
CA ARG C 356 4.05 -4.88 -31.48
C ARG C 356 4.93 -4.45 -30.28
N ALA C 357 5.63 -5.41 -29.65
CA ALA C 357 6.38 -5.20 -28.38
C ALA C 357 7.48 -4.14 -28.51
N ARG C 358 7.97 -3.89 -29.73
CA ARG C 358 9.02 -2.86 -29.95
C ARG C 358 8.45 -1.44 -30.07
N HIS C 359 7.12 -1.29 -30.03
CA HIS C 359 6.46 0.02 -30.21
C HIS C 359 6.33 0.72 -28.85
N HIS C 360 7.38 1.46 -28.45
CA HIS C 360 7.43 2.12 -27.13
C HIS C 360 8.38 3.30 -27.22
N LEU C 361 8.33 4.17 -26.20
CA LEU C 361 9.04 5.47 -26.17
C LEU C 361 10.34 5.44 -25.34
N SER C 362 10.71 4.30 -24.73
CA SER C 362 11.79 4.28 -23.70
C SER C 362 13.15 4.72 -24.24
N PHE C 363 13.42 4.53 -25.54
CA PHE C 363 14.68 4.93 -26.19
C PHE C 363 14.53 6.26 -26.92
N GLY C 364 13.33 6.88 -26.81
CA GLY C 364 12.95 8.05 -27.57
C GLY C 364 12.76 7.75 -29.06
N PHE C 365 12.79 8.83 -29.86
CA PHE C 365 12.49 8.77 -31.26
C PHE C 365 13.14 9.98 -31.96
N GLY C 366 13.59 9.85 -33.21
CA GLY C 366 14.18 11.01 -33.91
C GLY C 366 15.70 10.95 -33.87
N ILE C 367 16.36 12.09 -34.09
CA ILE C 367 17.83 12.13 -34.32
C ILE C 367 18.59 11.71 -33.05
N HIS C 368 17.97 11.85 -31.87
CA HIS C 368 18.65 11.57 -30.58
C HIS C 368 18.29 10.16 -30.07
N ARG C 369 17.49 9.38 -30.81
CA ARG C 369 17.10 8.03 -30.39
C ARG C 369 18.35 7.25 -29.94
N CYS C 370 18.21 6.58 -28.78
CA CYS C 370 19.34 5.96 -28.05
C CYS C 370 20.31 5.28 -29.00
N LEU C 371 21.58 5.68 -28.93
CA LEU C 371 22.64 5.05 -29.73
C LEU C 371 22.95 3.62 -29.24
N GLY C 372 22.78 3.37 -27.93
CA GLY C 372 23.20 2.10 -27.34
C GLY C 372 22.13 1.04 -27.24
N ASN C 373 20.98 1.25 -27.89
CA ASN C 373 19.80 0.46 -27.64
C ASN C 373 20.10 -1.02 -27.85
N ARG C 374 20.88 -1.38 -28.89
CA ARG C 374 21.16 -2.82 -29.19
C ARG C 374 22.04 -3.44 -28.11
N LEU C 375 23.00 -2.68 -27.61
CA LEU C 375 23.85 -3.18 -26.54
C LEU C 375 23.03 -3.38 -25.25
N ALA C 376 22.13 -2.45 -24.91
CA ALA C 376 21.23 -2.65 -23.75
C ALA C 376 20.44 -3.97 -23.92
N GLU C 377 19.75 -4.14 -25.06
CA GLU C 377 18.92 -5.34 -25.26
C GLU C 377 19.78 -6.62 -25.22
N LEU C 378 21.03 -6.55 -25.69
CA LEU C 378 21.90 -7.74 -25.67
C LEU C 378 22.17 -8.16 -24.23
N GLN C 379 22.55 -7.20 -23.37
CA GLN C 379 22.82 -7.49 -21.97
C GLN C 379 21.59 -8.11 -21.29
N LEU C 380 20.41 -7.55 -21.60
CA LEU C 380 19.17 -7.99 -20.97
C LEU C 380 18.80 -9.41 -21.45
N LYS C 381 18.95 -9.64 -22.77
CA LYS C 381 18.62 -10.97 -23.36
C LYS C 381 19.41 -12.05 -22.63
N ILE C 382 20.73 -11.80 -22.45
CA ILE C 382 21.62 -12.77 -21.87
C ILE C 382 21.30 -12.95 -20.40
N LEU C 383 20.92 -11.88 -19.68
CA LEU C 383 20.49 -12.00 -18.29
C LEU C 383 19.22 -12.87 -18.18
N TRP C 384 18.22 -12.62 -19.04
CA TRP C 384 17.00 -13.43 -19.03
C TRP C 384 17.24 -14.89 -19.41
N GLU C 385 18.11 -15.18 -20.40
CA GLU C 385 18.47 -16.56 -20.71
C GLU C 385 18.93 -17.30 -19.44
N GLU C 386 19.80 -16.66 -18.64
CA GLU C 386 20.40 -17.32 -17.46
C GLU C 386 19.36 -17.45 -16.34
N MET C 387 18.56 -16.39 -16.16
CA MET C 387 17.46 -16.41 -15.18
C MET C 387 16.52 -17.59 -15.46
N CYS C 388 16.13 -17.74 -16.74
CA CYS C 388 15.19 -18.77 -17.17
C CYS C 388 15.78 -20.16 -16.92
N GLU C 389 17.10 -20.32 -17.13
CA GLU C 389 17.78 -21.62 -16.93
C GLU C 389 17.93 -21.98 -15.43
N ARG C 390 18.20 -20.99 -14.57
CA ARG C 390 18.68 -21.24 -13.20
C ARG C 390 17.56 -21.24 -12.14
N TYR C 391 16.50 -20.44 -12.34
CA TYR C 391 15.61 -20.07 -11.22
C TYR C 391 14.15 -20.45 -11.51
N SER C 392 13.45 -20.91 -10.46
CA SER C 392 12.02 -21.15 -10.52
C SER C 392 11.24 -19.90 -10.09
N ARG C 393 11.78 -19.16 -9.11
CA ARG C 393 11.22 -17.89 -8.63
C ARG C 393 12.33 -16.89 -8.25
N ILE C 394 12.10 -15.62 -8.58
CA ILE C 394 12.81 -14.47 -8.07
C ILE C 394 11.90 -13.78 -7.05
N GLU C 395 12.12 -14.04 -5.75
CA GLU C 395 11.18 -13.56 -4.72
C GLU C 395 11.72 -12.26 -4.11
N VAL C 396 11.03 -11.13 -4.33
CA VAL C 396 11.33 -9.89 -3.66
C VAL C 396 10.83 -10.04 -2.22
N CYS C 397 11.73 -9.88 -1.25
CA CYS C 397 11.46 -10.37 0.11
C CYS C 397 11.57 -9.19 1.09
N GLY C 398 11.32 -7.98 0.57
CA GLY C 398 11.22 -6.75 1.34
C GLY C 398 10.83 -5.59 0.44
N GLU C 399 10.35 -4.49 1.03
CA GLU C 399 9.90 -3.34 0.23
C GLU C 399 11.07 -2.72 -0.53
N PRO C 400 11.00 -2.52 -1.86
CA PRO C 400 12.09 -1.87 -2.63
C PRO C 400 12.32 -0.39 -2.31
N VAL C 401 13.57 0.09 -2.37
CA VAL C 401 13.90 1.53 -2.19
C VAL C 401 14.22 2.10 -3.58
N ARG C 402 13.50 3.15 -3.95
CA ARG C 402 13.59 3.74 -5.32
C ARG C 402 14.53 4.95 -5.32
N VAL C 403 15.00 5.31 -6.52
CA VAL C 403 15.85 6.49 -6.68
C VAL C 403 15.00 7.74 -6.57
N PRO C 404 15.38 8.75 -5.75
CA PRO C 404 14.62 10.00 -5.65
C PRO C 404 14.96 11.00 -6.78
N SER C 405 14.45 10.71 -7.98
CA SER C 405 14.77 11.46 -9.23
C SER C 405 13.52 11.51 -10.11
N ASN C 406 13.30 12.66 -10.78
CA ASN C 406 12.29 12.77 -11.86
C ASN C 406 12.86 12.40 -13.25
N LEU C 407 14.16 12.05 -13.32
CA LEU C 407 14.86 11.69 -14.53
C LEU C 407 15.10 10.15 -14.56
N VAL C 408 15.82 9.65 -13.55
CA VAL C 408 16.16 8.23 -13.39
C VAL C 408 15.02 7.54 -12.68
N HIS C 409 14.35 6.61 -13.37
CA HIS C 409 13.25 5.82 -12.86
C HIS C 409 13.78 4.41 -12.57
N GLY C 410 14.20 4.19 -11.32
CA GLY C 410 14.91 2.96 -10.96
C GLY C 410 15.02 2.77 -9.47
N TYR C 411 16.07 2.04 -9.06
CA TYR C 411 16.11 1.41 -7.74
C TYR C 411 17.49 1.56 -7.07
N ILE C 412 17.46 1.69 -5.75
CA ILE C 412 18.63 1.63 -4.89
C ILE C 412 18.76 0.22 -4.25
N ASP C 413 17.63 -0.35 -3.81
CA ASP C 413 17.63 -1.64 -3.04
C ASP C 413 16.37 -2.45 -3.40
N ILE C 414 16.62 -3.70 -3.83
CA ILE C 414 15.60 -4.68 -4.07
C ILE C 414 16.06 -5.94 -3.33
N PRO C 415 15.54 -6.22 -2.14
CA PRO C 415 15.94 -7.42 -1.42
C PRO C 415 15.35 -8.64 -2.13
N VAL C 416 16.18 -9.62 -2.52
CA VAL C 416 15.59 -10.81 -3.13
C VAL C 416 16.16 -12.09 -2.53
N ARG C 417 15.35 -13.15 -2.67
CA ARG C 417 15.65 -14.55 -2.32
C ARG C 417 15.39 -15.42 -3.56
N LEU C 418 16.41 -16.16 -4.01
CA LEU C 418 16.33 -17.00 -5.22
C LEU C 418 15.86 -18.42 -4.83
N HIS C 419 15.14 -19.07 -5.74
CA HIS C 419 14.69 -20.46 -5.67
C HIS C 419 15.14 -21.18 -6.94
N ALA C 420 15.78 -22.35 -6.83
CA ALA C 420 16.33 -23.07 -8.03
C ALA C 420 15.31 -24.07 -8.56
#